data_8ELQ
#
_entry.id   8ELQ
#
_cell.length_a   78.543
_cell.length_b   140.387
_cell.length_c   142.095
_cell.angle_alpha   90.000
_cell.angle_beta   90.000
_cell.angle_gamma   90.000
#
_symmetry.space_group_name_H-M   'C 2 2 21'
#
loop_
_entity.id
_entity.type
_entity.pdbx_description
1 polymer 'Spike protein S1'
2 polymer 'Nanobody Nb-C4-255'
3 polymer 'CC12.1 Fab heavy chain'
4 polymer 'CC12.1 Fab light chain'
5 non-polymer 2-acetamido-2-deoxy-beta-D-glucopyranose
6 water water
#
loop_
_entity_poly.entity_id
_entity_poly.type
_entity_poly.pdbx_seq_one_letter_code
_entity_poly.pdbx_strand_id
1 'polypeptide(L)'
;TNLCPFGEVFNATRFASVYAWNRKRISNCVADYSVLYNSASFSTFKCYGVSPTKLNDLCFTNVYADSFVIRGDEVRQIAP
GQTGKIADYNYKLPDDFTGCVIAWNSNNLDSKVGGNYNYLYRLFRKSNLKPFERDISTEIYQAGSTPCNGVEGFNCYFPL
QSYGFQPTNGVGYQPYRVVVLSFELLHAPATVCGPKKSGHHHHHH
;
A
2 'polypeptide(L)'
;EVQLQESGGGLVQPGGSLRLSCAASGFTFSSYAMGWYRQAPGKEREWVCAISGSGGSTYYADSVKGRFTCSRDNSKNTLY
LQMNSLKPEDTAVYYCARQAWYYSPYGGPEFEAFDYWGQGTQVTVSSGSGHHHHHHHHHH
;
B
3 'polypeptide(L)'
;EVQLVESGGGLIQPGGSLRLSCAASGLTVSSNYMSWVRQAPGKGLEWVSVIYSGGSTFYADSVKGRFTISRDNSKNTLYL
QMNSLRAEDTAVYYCARDLDVYGLDVWGQGTTVTVSSASTKGPSVFPLAPSSKSTSGGTAALGCLVKDYFPEPVTVSWNS
GALTSGVHTFPAVLQSSGLYSLSSVVTVPSSSLGTQTYICNVNHKPSNTKVDKRVEPKSC
;
H
4 'polypeptide(L)'
;DIVMTQSPSFLSASVGDRVTITCRASQGISSYLAWYQQKPGKAPKLLIYAASTLQSGVPSRFSGSGSGTEFTLTISSLQP
EDFATYYCQQLNSYPPKFTFGPGTKVEIKRTVAAPSVFIFPPSDEQLKSGTASVVCLLNNFYPREAKVQWKVDNALQSGN
SQESVTEQDSKDSTYSLSSTLTLSKADYEKHKVYACEVTHQGLSSPVTKSFNRGECS
;
L
#
loop_
_chem_comp.id
_chem_comp.type
_chem_comp.name
_chem_comp.formula
NAG D-saccharide, beta linking 2-acetamido-2-deoxy-beta-D-glucopyranose 'C8 H15 N O6'
#
# COMPACT_ATOMS: atom_id res chain seq x y z
N ASN A 2 19.24 -49.33 -16.43
CA ASN A 2 19.14 -48.06 -17.13
C ASN A 2 19.21 -46.89 -16.16
N LEU A 3 19.71 -45.75 -16.65
CA LEU A 3 19.74 -44.54 -15.85
C LEU A 3 18.40 -43.82 -15.94
N CYS A 4 18.01 -43.19 -14.84
CA CYS A 4 16.75 -42.48 -14.79
C CYS A 4 16.79 -41.27 -15.72
N PRO A 5 15.69 -40.93 -16.37
CA PRO A 5 15.66 -39.90 -17.42
C PRO A 5 15.51 -38.47 -16.89
N PHE A 6 16.37 -38.09 -15.94
CA PHE A 6 16.35 -36.74 -15.42
C PHE A 6 16.87 -35.73 -16.44
N GLY A 7 17.71 -36.17 -17.38
CA GLY A 7 18.16 -35.27 -18.43
C GLY A 7 17.03 -34.82 -19.34
N GLU A 8 16.10 -35.73 -19.65
CA GLU A 8 14.95 -35.38 -20.48
C GLU A 8 13.97 -34.45 -19.79
N VAL A 9 14.11 -34.26 -18.47
CA VAL A 9 13.25 -33.34 -17.73
C VAL A 9 13.96 -32.02 -17.46
N PHE A 10 15.17 -32.08 -16.89
CA PHE A 10 15.88 -30.86 -16.54
C PHE A 10 16.41 -30.14 -17.77
N ASN A 11 16.82 -30.88 -18.79
CA ASN A 11 17.47 -30.31 -19.97
C ASN A 11 16.54 -30.27 -21.19
N ALA A 12 15.23 -30.28 -20.97
CA ALA A 12 14.30 -30.12 -22.08
C ALA A 12 14.41 -28.73 -22.67
N THR A 13 14.27 -28.64 -24.00
CA THR A 13 14.44 -27.35 -24.68
C THR A 13 13.38 -26.35 -24.22
N ARG A 14 12.13 -26.78 -24.16
CA ARG A 14 11.03 -25.93 -23.69
C ARG A 14 10.30 -26.64 -22.56
N PHE A 15 9.92 -25.88 -21.54
CA PHE A 15 9.17 -26.39 -20.41
C PHE A 15 7.68 -26.11 -20.61
N ALA A 16 6.87 -26.75 -19.77
CA ALA A 16 5.42 -26.59 -19.84
C ALA A 16 4.97 -25.36 -19.05
N SER A 17 3.81 -24.84 -19.41
CA SER A 17 3.19 -23.78 -18.64
C SER A 17 2.72 -24.32 -17.29
N VAL A 18 2.66 -23.44 -16.30
CA VAL A 18 2.35 -23.88 -14.94
C VAL A 18 0.92 -24.40 -14.84
N TYR A 19 -0.02 -23.83 -15.60
CA TYR A 19 -1.38 -24.34 -15.56
C TYR A 19 -1.47 -25.74 -16.14
N ALA A 20 -0.58 -26.10 -17.05
CA ALA A 20 -0.56 -27.43 -17.64
C ALA A 20 0.74 -28.14 -17.32
N TRP A 21 1.14 -28.12 -16.05
CA TRP A 21 2.44 -28.63 -15.65
C TRP A 21 2.60 -30.09 -16.05
N ASN A 22 3.78 -30.41 -16.58
CA ASN A 22 4.07 -31.77 -17.02
C ASN A 22 4.47 -32.65 -15.85
N ARG A 23 4.16 -33.94 -15.96
CA ARG A 23 4.56 -34.93 -14.98
C ARG A 23 5.21 -36.09 -15.71
N LYS A 24 6.46 -36.36 -15.39
CA LYS A 24 7.20 -37.50 -15.93
C LYS A 24 7.33 -38.56 -14.85
N ARG A 25 6.82 -39.76 -15.12
CA ARG A 25 6.93 -40.87 -14.19
C ARG A 25 8.33 -41.46 -14.25
N ILE A 26 8.93 -41.66 -13.08
CA ILE A 26 10.27 -42.25 -12.96
C ILE A 26 10.11 -43.63 -12.33
N SER A 27 10.44 -44.67 -13.09
CA SER A 27 10.26 -46.03 -12.61
C SER A 27 11.23 -46.96 -13.34
N ASN A 28 11.66 -48.00 -12.62
CA ASN A 28 12.52 -49.05 -13.17
C ASN A 28 13.81 -48.48 -13.75
N CYS A 29 14.49 -47.68 -12.95
CA CYS A 29 15.76 -47.09 -13.36
C CYS A 29 16.60 -46.83 -12.11
N VAL A 30 17.86 -46.47 -12.35
CA VAL A 30 18.80 -46.13 -11.29
C VAL A 30 19.10 -44.64 -11.39
N ALA A 31 18.92 -43.92 -10.29
CA ALA A 31 19.02 -42.47 -10.27
C ALA A 31 20.29 -42.06 -9.52
N ASP A 32 21.16 -41.32 -10.20
CA ASP A 32 22.31 -40.69 -9.58
C ASP A 32 21.96 -39.22 -9.35
N TYR A 33 21.42 -38.95 -8.16
CA TYR A 33 21.01 -37.58 -7.84
C TYR A 33 22.18 -36.64 -7.66
N SER A 34 23.41 -37.16 -7.62
CA SER A 34 24.59 -36.30 -7.54
C SER A 34 24.73 -35.39 -8.75
N VAL A 35 24.09 -35.74 -9.88
CA VAL A 35 24.09 -34.86 -11.04
C VAL A 35 23.38 -33.54 -10.73
N LEU A 36 22.49 -33.54 -9.75
CA LEU A 36 21.73 -32.35 -9.39
C LEU A 36 22.33 -31.60 -8.19
N TYR A 37 22.56 -32.29 -7.07
CA TYR A 37 23.00 -31.60 -5.86
C TYR A 37 24.47 -31.20 -5.89
N ASN A 38 25.24 -31.70 -6.85
CA ASN A 38 26.64 -31.27 -7.01
C ASN A 38 26.79 -30.15 -8.03
N SER A 39 25.70 -29.66 -8.59
CA SER A 39 25.74 -28.59 -9.59
C SER A 39 25.47 -27.24 -8.93
N ALA A 40 26.12 -26.22 -9.48
CA ALA A 40 25.95 -24.85 -9.02
C ALA A 40 25.01 -24.03 -9.89
N SER A 41 24.30 -24.69 -10.81
CA SER A 41 23.41 -24.00 -11.74
C SER A 41 21.99 -23.84 -11.20
N PHE A 42 21.71 -24.28 -9.98
CA PHE A 42 20.40 -24.21 -9.39
C PHE A 42 20.37 -23.10 -8.33
N SER A 43 19.42 -22.17 -8.47
CA SER A 43 19.25 -21.12 -7.48
C SER A 43 18.41 -21.57 -6.29
N THR A 44 17.57 -22.60 -6.47
CA THR A 44 16.75 -23.14 -5.38
C THR A 44 16.88 -24.65 -5.39
N PHE A 45 17.22 -25.22 -4.24
CA PHE A 45 17.33 -26.67 -4.07
C PHE A 45 16.94 -26.97 -2.62
N LYS A 46 15.65 -27.26 -2.42
CA LYS A 46 15.10 -27.48 -1.08
C LYS A 46 14.38 -28.82 -1.07
N CYS A 47 14.78 -29.71 -0.16
CA CYS A 47 14.21 -31.04 -0.04
C CYS A 47 13.46 -31.16 1.28
N TYR A 48 12.25 -31.68 1.22
CA TYR A 48 11.37 -31.81 2.38
C TYR A 48 11.23 -33.27 2.74
N GLY A 49 11.54 -33.60 4.00
CA GLY A 49 11.49 -34.97 4.47
C GLY A 49 12.65 -35.84 4.05
N VAL A 50 13.55 -35.33 3.21
CA VAL A 50 14.72 -36.07 2.76
C VAL A 50 15.92 -35.14 2.79
N SER A 51 17.10 -35.74 2.89
CA SER A 51 18.34 -34.97 2.82
C SER A 51 18.91 -35.04 1.42
N PRO A 52 19.27 -33.91 0.81
CA PRO A 52 19.76 -33.94 -0.57
C PRO A 52 21.01 -34.80 -0.75
N THR A 53 21.89 -34.85 0.25
CA THR A 53 23.12 -35.62 0.12
C THR A 53 22.90 -37.12 0.25
N LYS A 54 21.80 -37.55 0.86
CA LYS A 54 21.54 -38.97 1.11
C LYS A 54 20.60 -39.58 0.08
N LEU A 55 20.29 -38.87 -0.99
CA LEU A 55 19.33 -39.38 -1.98
C LEU A 55 19.87 -40.62 -2.70
N ASN A 56 21.17 -40.64 -2.99
CA ASN A 56 21.76 -41.77 -3.69
C ASN A 56 21.79 -43.04 -2.84
N ASP A 57 21.60 -42.91 -1.53
CA ASP A 57 21.61 -44.04 -0.61
C ASP A 57 20.21 -44.54 -0.28
N LEU A 58 19.20 -44.13 -1.05
CA LEU A 58 17.81 -44.41 -0.73
C LEU A 58 17.13 -45.08 -1.90
N CYS A 59 16.06 -45.81 -1.60
CA CYS A 59 15.20 -46.44 -2.59
C CYS A 59 13.77 -45.97 -2.40
N PHE A 60 13.05 -45.84 -3.51
CA PHE A 60 11.69 -45.31 -3.48
C PHE A 60 10.77 -46.21 -4.30
N THR A 61 9.50 -46.28 -3.87
CA THR A 61 8.48 -47.05 -4.56
C THR A 61 7.85 -46.27 -5.72
N ASN A 62 7.62 -44.97 -5.53
CA ASN A 62 7.08 -44.11 -6.59
C ASN A 62 7.87 -42.82 -6.63
N VAL A 63 8.27 -42.41 -7.83
CA VAL A 63 8.97 -41.15 -8.05
C VAL A 63 8.32 -40.43 -9.22
N TYR A 64 8.00 -39.15 -9.01
CA TYR A 64 7.42 -38.31 -10.06
C TYR A 64 8.23 -37.04 -10.20
N ALA A 65 8.33 -36.56 -11.44
CA ALA A 65 9.06 -35.33 -11.76
C ALA A 65 8.11 -34.37 -12.46
N ASP A 66 7.76 -33.28 -11.78
CA ASP A 66 6.88 -32.26 -12.31
C ASP A 66 7.71 -31.05 -12.73
N SER A 67 7.39 -30.50 -13.90
CA SER A 67 8.16 -29.39 -14.46
C SER A 67 7.20 -28.32 -15.00
N PHE A 68 7.57 -27.06 -14.79
CA PHE A 68 6.79 -25.93 -15.26
C PHE A 68 7.66 -24.67 -15.17
N VAL A 69 7.16 -23.58 -15.74
CA VAL A 69 7.84 -22.29 -15.74
C VAL A 69 6.97 -21.28 -15.02
N ILE A 70 7.55 -20.55 -14.07
CA ILE A 70 6.86 -19.52 -13.31
C ILE A 70 7.78 -18.30 -13.23
N ARG A 71 7.29 -17.26 -12.55
CA ARG A 71 8.07 -16.07 -12.32
C ARG A 71 8.99 -16.26 -11.11
N GLY A 72 10.00 -15.38 -11.02
CA GLY A 72 10.92 -15.45 -9.91
C GLY A 72 10.27 -15.18 -8.56
N ASP A 73 9.28 -14.29 -8.53
CA ASP A 73 8.59 -13.97 -7.28
C ASP A 73 7.66 -15.07 -6.82
N GLU A 74 7.42 -16.10 -7.63
CA GLU A 74 6.48 -17.15 -7.28
C GLU A 74 7.14 -18.48 -6.96
N VAL A 75 8.47 -18.56 -6.98
CA VAL A 75 9.16 -19.78 -6.59
C VAL A 75 8.88 -20.10 -5.13
N ARG A 76 8.75 -19.06 -4.29
CA ARG A 76 8.42 -19.26 -2.89
C ARG A 76 7.10 -19.99 -2.72
N GLN A 77 6.16 -19.81 -3.65
CA GLN A 77 4.87 -20.48 -3.56
C GLN A 77 4.94 -21.97 -3.86
N ILE A 78 6.05 -22.44 -4.43
CA ILE A 78 6.24 -23.89 -4.65
C ILE A 78 6.85 -24.44 -3.38
N ALA A 79 6.00 -24.66 -2.38
CA ALA A 79 6.39 -25.10 -1.05
C ALA A 79 5.13 -25.43 -0.25
N PRO A 80 5.22 -26.30 0.76
CA PRO A 80 4.03 -26.62 1.57
C PRO A 80 3.53 -25.39 2.32
N GLY A 81 2.20 -25.30 2.44
CA GLY A 81 1.59 -24.27 3.26
C GLY A 81 1.59 -22.88 2.68
N GLN A 82 2.00 -22.72 1.42
CA GLN A 82 2.06 -21.40 0.80
C GLN A 82 0.76 -21.08 0.08
N THR A 83 0.56 -19.79 -0.18
CA THR A 83 -0.63 -19.29 -0.86
C THR A 83 -0.22 -18.32 -1.95
N GLY A 84 -1.10 -18.18 -2.94
CA GLY A 84 -0.85 -17.29 -4.06
C GLY A 84 -1.55 -17.81 -5.29
N LYS A 85 -1.34 -17.08 -6.39
CA LYS A 85 -1.97 -17.46 -7.65
C LYS A 85 -1.49 -18.84 -8.11
N ILE A 86 -0.18 -19.10 -7.97
CA ILE A 86 0.36 -20.38 -8.41
C ILE A 86 -0.08 -21.51 -7.50
N ALA A 87 0.07 -21.31 -6.19
CA ALA A 87 -0.24 -22.37 -5.23
C ALA A 87 -1.72 -22.71 -5.22
N ASP A 88 -2.59 -21.70 -5.35
CA ASP A 88 -4.02 -21.94 -5.25
C ASP A 88 -4.63 -22.40 -6.57
N TYR A 89 -4.14 -21.89 -7.70
CA TYR A 89 -4.80 -22.09 -8.98
C TYR A 89 -3.98 -22.81 -10.04
N ASN A 90 -2.67 -22.99 -9.83
CA ASN A 90 -1.83 -23.60 -10.86
C ASN A 90 -1.15 -24.88 -10.39
N TYR A 91 -0.44 -24.84 -9.27
CA TYR A 91 0.29 -26.01 -8.79
C TYR A 91 0.34 -25.96 -7.27
N LYS A 92 -0.27 -26.95 -6.62
CA LYS A 92 -0.39 -27.00 -5.17
C LYS A 92 0.44 -28.14 -4.62
N LEU A 93 1.35 -27.83 -3.70
CA LEU A 93 2.13 -28.85 -3.01
C LEU A 93 1.42 -29.27 -1.72
N PRO A 94 1.47 -30.55 -1.37
CA PRO A 94 0.79 -31.00 -0.14
C PRO A 94 1.51 -30.50 1.11
N ASP A 95 0.74 -30.44 2.20
CA ASP A 95 1.31 -30.02 3.48
C ASP A 95 2.34 -31.04 3.99
N ASP A 96 2.13 -32.32 3.69
CA ASP A 96 3.04 -33.39 4.09
C ASP A 96 3.99 -33.77 2.97
N PHE A 97 4.41 -32.78 2.17
CA PHE A 97 5.22 -33.05 0.99
C PHE A 97 6.53 -33.75 1.36
N THR A 98 6.84 -34.82 0.61
CA THR A 98 8.09 -35.56 0.77
C THR A 98 8.78 -35.55 -0.59
N GLY A 99 9.74 -34.64 -0.77
CA GLY A 99 10.43 -34.53 -2.03
C GLY A 99 11.30 -33.28 -2.07
N CYS A 100 11.67 -32.89 -3.28
CA CYS A 100 12.58 -31.76 -3.48
C CYS A 100 11.99 -30.80 -4.51
N VAL A 101 12.27 -29.52 -4.32
CA VAL A 101 11.88 -28.46 -5.25
C VAL A 101 13.16 -27.82 -5.78
N ILE A 102 13.33 -27.87 -7.10
CA ILE A 102 14.54 -27.38 -7.76
C ILE A 102 14.14 -26.32 -8.77
N ALA A 103 14.81 -25.17 -8.73
CA ALA A 103 14.51 -24.08 -9.64
C ALA A 103 15.81 -23.43 -10.10
N TRP A 104 15.80 -22.90 -11.32
CA TRP A 104 16.95 -22.19 -11.86
C TRP A 104 16.45 -21.12 -12.83
N ASN A 105 17.21 -20.03 -12.91
CA ASN A 105 16.84 -18.92 -13.78
C ASN A 105 16.97 -19.32 -15.25
N SER A 106 15.98 -18.94 -16.05
CA SER A 106 15.93 -19.28 -17.46
C SER A 106 15.69 -18.04 -18.31
N ASN A 107 16.27 -16.91 -17.90
CA ASN A 107 16.07 -15.66 -18.64
C ASN A 107 16.71 -15.75 -20.03
N ASN A 108 17.84 -16.44 -20.15
CA ASN A 108 18.53 -16.56 -21.41
C ASN A 108 17.86 -17.53 -22.38
N LEU A 109 16.79 -18.21 -21.95
CA LEU A 109 16.10 -19.19 -22.79
C LEU A 109 14.62 -18.90 -22.96
N ASP A 110 13.94 -18.41 -21.94
CA ASP A 110 12.50 -18.24 -21.97
C ASP A 110 12.06 -16.78 -22.08
N SER A 111 12.97 -15.84 -22.22
CA SER A 111 12.65 -14.42 -22.34
C SER A 111 13.03 -13.93 -23.73
N LYS A 112 12.07 -13.32 -24.42
CA LYS A 112 12.27 -12.80 -25.76
C LYS A 112 12.29 -11.28 -25.72
N VAL A 113 12.96 -10.69 -26.72
CA VAL A 113 13.20 -9.24 -26.72
C VAL A 113 11.87 -8.49 -26.66
N GLY A 114 10.94 -8.85 -27.52
CA GLY A 114 9.61 -8.25 -27.46
C GLY A 114 8.72 -8.81 -26.38
N GLY A 115 9.09 -9.97 -25.81
CA GLY A 115 8.30 -10.60 -24.78
C GLY A 115 7.77 -11.96 -25.21
N ASN A 116 8.20 -13.00 -24.52
CA ASN A 116 7.68 -14.35 -24.78
C ASN A 116 6.33 -14.51 -24.09
N TYR A 117 5.28 -14.69 -24.89
CA TYR A 117 3.93 -14.78 -24.37
C TYR A 117 3.35 -16.19 -24.52
N ASN A 118 4.20 -17.20 -24.68
CA ASN A 118 3.74 -18.57 -24.77
C ASN A 118 3.54 -19.23 -23.41
N TYR A 119 4.21 -18.76 -22.37
CA TYR A 119 4.05 -19.31 -21.03
C TYR A 119 2.85 -18.65 -20.35
N LEU A 120 1.93 -19.49 -19.84
CA LEU A 120 0.67 -19.02 -19.31
C LEU A 120 0.48 -19.50 -17.88
N TYR A 121 -0.34 -18.75 -17.14
CA TYR A 121 -0.78 -19.13 -15.80
C TYR A 121 -2.27 -18.90 -15.68
N ARG A 122 -2.93 -19.73 -14.87
CA ARG A 122 -4.36 -19.58 -14.65
C ARG A 122 -4.60 -18.42 -13.69
N LEU A 123 -5.32 -17.41 -14.16
CA LEU A 123 -5.54 -16.21 -13.36
C LEU A 123 -6.85 -16.26 -12.58
N PHE A 124 -7.92 -16.75 -13.20
CA PHE A 124 -9.24 -16.74 -12.58
C PHE A 124 -9.69 -18.17 -12.29
N ARG A 125 -10.08 -18.42 -11.06
CA ARG A 125 -10.62 -19.71 -10.65
C ARG A 125 -11.44 -19.51 -9.38
N LYS A 126 -12.53 -20.27 -9.26
CA LYS A 126 -13.44 -20.10 -8.14
C LYS A 126 -12.98 -20.82 -6.87
N SER A 127 -12.18 -21.87 -7.01
CA SER A 127 -11.77 -22.67 -5.86
C SER A 127 -10.27 -22.95 -5.93
N ASN A 128 -9.67 -23.16 -4.76
CA ASN A 128 -8.25 -23.49 -4.69
C ASN A 128 -8.01 -24.92 -5.16
N LEU A 129 -6.84 -25.14 -5.77
CA LEU A 129 -6.48 -26.45 -6.26
C LEU A 129 -6.16 -27.39 -5.10
N LYS A 130 -6.57 -28.64 -5.23
CA LYS A 130 -6.12 -29.68 -4.32
C LYS A 130 -4.66 -30.01 -4.63
N PRO A 131 -3.94 -30.63 -3.68
CA PRO A 131 -2.53 -30.95 -3.92
C PRO A 131 -2.36 -31.85 -5.14
N PHE A 132 -1.37 -31.53 -5.95
CA PHE A 132 -1.04 -32.29 -7.17
C PHE A 132 -2.24 -32.37 -8.12
N GLU A 133 -2.94 -31.25 -8.30
CA GLU A 133 -4.08 -31.18 -9.19
C GLU A 133 -3.78 -30.28 -10.38
N ARG A 134 -4.21 -30.71 -11.56
CA ARG A 134 -3.98 -29.97 -12.80
C ARG A 134 -5.33 -29.60 -13.42
N ASP A 135 -5.49 -28.32 -13.75
CA ASP A 135 -6.70 -27.81 -14.38
C ASP A 135 -6.31 -27.17 -15.71
N ILE A 136 -6.75 -27.76 -16.81
CA ILE A 136 -6.41 -27.29 -18.15
C ILE A 136 -7.65 -26.75 -18.87
N SER A 137 -8.69 -26.39 -18.13
CA SER A 137 -9.91 -25.89 -18.74
C SER A 137 -9.70 -24.50 -19.31
N THR A 138 -10.36 -24.23 -20.44
CA THR A 138 -10.34 -22.92 -21.08
C THR A 138 -11.70 -22.23 -21.03
N GLU A 139 -12.59 -22.70 -20.17
CA GLU A 139 -13.93 -22.13 -20.08
C GLU A 139 -13.87 -20.71 -19.54
N ILE A 140 -14.74 -19.86 -20.07
CA ILE A 140 -14.75 -18.44 -19.69
C ILE A 140 -15.20 -18.32 -18.24
N TYR A 141 -14.44 -17.53 -17.45
CA TYR A 141 -14.73 -17.38 -16.04
C TYR A 141 -15.84 -16.35 -15.83
N GLN A 142 -16.81 -16.71 -14.98
CA GLN A 142 -17.97 -15.86 -14.71
C GLN A 142 -17.72 -15.11 -13.41
N ALA A 143 -17.51 -13.80 -13.52
CA ALA A 143 -17.25 -12.97 -12.34
C ALA A 143 -18.52 -12.37 -11.75
N GLY A 144 -19.63 -12.40 -12.48
CA GLY A 144 -20.89 -11.87 -11.97
C GLY A 144 -21.98 -12.92 -11.92
N SER A 145 -23.20 -12.53 -12.29
CA SER A 145 -24.33 -13.46 -12.33
C SER A 145 -24.83 -13.74 -13.73
N THR A 146 -24.32 -13.03 -14.74
CA THR A 146 -24.75 -13.25 -16.12
C THR A 146 -23.83 -14.26 -16.78
N PRO A 147 -24.35 -15.35 -17.34
CA PRO A 147 -23.47 -16.35 -17.97
C PRO A 147 -22.75 -15.78 -19.19
N CYS A 148 -21.58 -16.33 -19.45
CA CYS A 148 -20.72 -15.87 -20.55
C CYS A 148 -21.05 -16.54 -21.87
N ASN A 149 -21.26 -17.86 -21.86
CA ASN A 149 -21.59 -18.62 -23.06
C ASN A 149 -20.52 -18.46 -24.14
N GLY A 150 -19.26 -18.49 -23.72
CA GLY A 150 -18.14 -18.45 -24.65
C GLY A 150 -17.74 -17.08 -25.14
N VAL A 151 -18.44 -16.02 -24.72
CA VAL A 151 -18.15 -14.66 -25.17
C VAL A 151 -17.42 -13.93 -24.05
N GLU A 152 -16.28 -13.35 -24.38
CA GLU A 152 -15.48 -12.60 -23.42
C GLU A 152 -15.96 -11.15 -23.35
N GLY A 153 -16.02 -10.62 -22.14
CA GLY A 153 -16.45 -9.25 -21.94
C GLY A 153 -16.43 -8.84 -20.48
N PHE A 154 -17.37 -7.98 -20.07
CA PHE A 154 -17.45 -7.58 -18.68
C PHE A 154 -17.92 -8.74 -17.82
N ASN A 155 -17.23 -8.95 -16.70
CA ASN A 155 -17.48 -10.07 -15.79
C ASN A 155 -17.39 -11.43 -16.50
N CYS A 156 -16.64 -11.49 -17.60
CA CYS A 156 -16.52 -12.70 -18.40
C CYS A 156 -15.14 -12.69 -19.03
N TYR A 157 -14.20 -13.41 -18.41
CA TYR A 157 -12.80 -13.31 -18.77
C TYR A 157 -12.20 -14.68 -19.07
N PHE A 158 -11.23 -14.70 -19.97
CA PHE A 158 -10.47 -15.92 -20.21
C PHE A 158 -9.67 -16.28 -18.96
N PRO A 159 -9.70 -17.52 -18.50
CA PRO A 159 -9.06 -17.86 -17.22
C PRO A 159 -7.54 -17.84 -17.26
N LEU A 160 -6.93 -17.89 -18.43
CA LEU A 160 -5.48 -18.00 -18.56
C LEU A 160 -4.90 -16.68 -19.04
N GLN A 161 -3.89 -16.19 -18.34
CA GLN A 161 -3.15 -14.99 -18.71
C GLN A 161 -1.69 -15.36 -18.95
N SER A 162 -1.05 -14.62 -19.85
CA SER A 162 0.30 -14.92 -20.29
C SER A 162 1.33 -14.13 -19.50
N TYR A 163 2.41 -14.81 -19.10
CA TYR A 163 3.56 -14.11 -18.54
C TYR A 163 4.21 -13.24 -19.60
N GLY A 164 4.63 -12.04 -19.20
CA GLY A 164 5.43 -11.22 -20.08
C GLY A 164 6.91 -11.37 -19.76
N PHE A 165 7.62 -12.22 -20.51
CA PHE A 165 9.01 -12.53 -20.22
C PHE A 165 9.89 -11.78 -21.21
N GLN A 166 10.63 -10.79 -20.72
CA GLN A 166 11.56 -10.00 -21.50
C GLN A 166 12.90 -9.97 -20.79
N PRO A 167 14.01 -9.87 -21.53
CA PRO A 167 15.33 -9.86 -20.89
C PRO A 167 15.54 -8.65 -19.99
N THR A 168 14.79 -7.56 -20.19
CA THR A 168 14.93 -6.37 -19.35
C THR A 168 14.19 -6.49 -18.03
N ASN A 169 13.39 -7.54 -17.84
CA ASN A 169 12.63 -7.69 -16.61
C ASN A 169 13.53 -7.91 -15.41
N GLY A 170 13.09 -7.45 -14.26
CA GLY A 170 13.80 -7.71 -13.02
C GLY A 170 13.73 -9.18 -12.64
N VAL A 171 14.55 -9.53 -11.64
CA VAL A 171 14.68 -10.92 -11.24
C VAL A 171 13.33 -11.50 -10.79
N GLY A 172 12.49 -10.66 -10.18
CA GLY A 172 11.18 -11.13 -9.78
C GLY A 172 10.28 -11.47 -10.96
N TYR A 173 10.40 -10.72 -12.05
CA TYR A 173 9.58 -10.92 -13.24
C TYR A 173 10.27 -11.81 -14.28
N GLN A 174 11.49 -12.27 -14.01
CA GLN A 174 12.19 -13.13 -14.95
C GLN A 174 11.69 -14.56 -14.85
N PRO A 175 11.74 -15.32 -15.96
CA PRO A 175 11.25 -16.70 -15.91
C PRO A 175 12.19 -17.60 -15.10
N TYR A 176 11.59 -18.55 -14.39
CA TYR A 176 12.34 -19.54 -13.63
C TYR A 176 11.78 -20.92 -13.93
N ARG A 177 12.66 -21.84 -14.32
CA ARG A 177 12.26 -23.22 -14.59
C ARG A 177 12.33 -24.02 -13.30
N VAL A 178 11.24 -24.70 -12.96
CA VAL A 178 11.09 -25.40 -11.70
C VAL A 178 10.82 -26.87 -11.97
N VAL A 179 11.54 -27.74 -11.27
CA VAL A 179 11.30 -29.18 -11.31
C VAL A 179 11.04 -29.64 -9.88
N VAL A 180 9.90 -30.31 -9.68
CA VAL A 180 9.50 -30.81 -8.38
C VAL A 180 9.56 -32.33 -8.41
N LEU A 181 10.35 -32.92 -7.51
CA LEU A 181 10.49 -34.36 -7.41
C LEU A 181 9.68 -34.85 -6.22
N SER A 182 8.79 -35.81 -6.47
CA SER A 182 7.95 -36.40 -5.44
C SER A 182 8.46 -37.80 -5.13
N PHE A 183 8.80 -38.05 -3.87
CA PHE A 183 9.26 -39.35 -3.41
C PHE A 183 8.21 -39.98 -2.50
N GLU A 184 7.84 -41.22 -2.79
CA GLU A 184 6.87 -41.95 -1.98
C GLU A 184 7.55 -43.21 -1.45
N LEU A 185 7.63 -43.31 -0.12
CA LEU A 185 8.24 -44.45 0.57
C LEU A 185 7.11 -45.21 1.27
N LEU A 186 6.78 -46.38 0.74
CA LEU A 186 5.69 -47.19 1.26
C LEU A 186 6.19 -48.60 1.53
N HIS A 187 5.33 -49.41 2.16
CA HIS A 187 5.63 -50.82 2.40
C HIS A 187 5.30 -51.61 1.14
N ALA A 188 6.20 -51.49 0.16
CA ALA A 188 6.00 -52.09 -1.16
C ALA A 188 7.35 -52.23 -1.82
N PRO A 189 7.48 -53.11 -2.82
CA PRO A 189 8.75 -53.22 -3.55
C PRO A 189 9.13 -51.89 -4.20
N ALA A 190 10.43 -51.61 -4.21
CA ALA A 190 10.94 -50.38 -4.76
C ALA A 190 10.95 -50.43 -6.29
N THR A 191 11.02 -49.24 -6.91
CA THR A 191 11.08 -49.14 -8.36
C THR A 191 12.24 -48.25 -8.79
N VAL A 192 12.63 -47.32 -7.93
CA VAL A 192 13.74 -46.40 -8.19
C VAL A 192 14.73 -46.52 -7.04
N CYS A 193 16.00 -46.80 -7.37
CA CYS A 193 17.04 -46.99 -6.38
C CYS A 193 18.30 -46.25 -6.82
N GLY A 194 19.16 -45.96 -5.84
CA GLY A 194 20.45 -45.40 -6.11
C GLY A 194 21.44 -46.47 -6.55
N PRO A 195 22.52 -46.06 -7.22
CA PRO A 195 23.54 -46.99 -7.70
C PRO A 195 24.34 -47.63 -6.57
N GLU B 1 -9.30 -25.20 7.80
CA GLU B 1 -9.51 -26.28 8.76
C GLU B 1 -8.58 -26.15 9.96
N VAL B 2 -7.33 -25.76 9.69
CA VAL B 2 -6.37 -25.54 10.77
C VAL B 2 -6.81 -24.34 11.60
N GLN B 3 -6.77 -24.48 12.91
CA GLN B 3 -7.12 -23.40 13.82
C GLN B 3 -5.99 -23.23 14.84
N LEU B 4 -5.53 -21.98 14.99
CA LEU B 4 -4.47 -21.64 15.91
C LEU B 4 -4.93 -20.49 16.80
N GLN B 5 -4.84 -20.69 18.11
CA GLN B 5 -5.28 -19.69 19.08
C GLN B 5 -4.18 -19.47 20.11
N GLU B 6 -3.69 -18.24 20.20
CA GLU B 6 -2.62 -17.88 21.14
C GLU B 6 -3.22 -17.30 22.42
N SER B 7 -2.45 -17.42 23.51
CA SER B 7 -2.89 -16.93 24.80
C SER B 7 -1.67 -16.75 25.70
N GLY B 8 -1.88 -16.03 26.81
CA GLY B 8 -0.86 -15.86 27.82
C GLY B 8 -0.17 -14.51 27.83
N GLY B 9 -0.40 -13.66 26.83
CA GLY B 9 0.26 -12.39 26.78
C GLY B 9 -0.31 -11.37 27.76
N GLY B 10 0.41 -10.27 27.91
CA GLY B 10 -0.01 -9.23 28.82
C GLY B 10 1.07 -8.18 28.98
N LEU B 11 1.00 -7.46 30.11
CA LEU B 11 1.96 -6.42 30.43
C LEU B 11 3.00 -6.99 31.40
N VAL B 12 4.28 -6.83 31.06
CA VAL B 12 5.36 -7.44 31.81
C VAL B 12 6.48 -6.40 31.93
N GLN B 13 7.27 -6.51 33.01
CA GLN B 13 8.37 -5.60 33.23
C GLN B 13 9.68 -6.21 32.76
N PRO B 14 10.65 -5.38 32.38
CA PRO B 14 11.97 -5.90 32.00
C PRO B 14 12.57 -6.75 33.12
N GLY B 15 13.12 -7.89 32.73
CA GLY B 15 13.55 -8.89 33.69
C GLY B 15 12.47 -9.83 34.15
N GLY B 16 11.21 -9.61 33.74
CA GLY B 16 10.13 -10.48 34.11
C GLY B 16 10.01 -11.67 33.18
N SER B 17 8.97 -12.47 33.41
CA SER B 17 8.75 -13.70 32.66
C SER B 17 7.28 -13.89 32.34
N LEU B 18 7.01 -14.35 31.12
CA LEU B 18 5.67 -14.68 30.67
C LEU B 18 5.70 -16.02 29.97
N ARG B 19 4.62 -16.79 30.12
CA ARG B 19 4.45 -18.06 29.42
C ARG B 19 3.31 -17.92 28.44
N LEU B 20 3.60 -18.15 27.16
CA LEU B 20 2.61 -18.11 26.09
C LEU B 20 2.18 -19.52 25.73
N SER B 21 0.93 -19.65 25.31
CA SER B 21 0.37 -20.94 24.92
C SER B 21 -0.37 -20.79 23.60
N CYS B 22 -0.30 -21.83 22.77
CA CYS B 22 -0.94 -21.85 21.46
C CYS B 22 -1.71 -23.15 21.31
N ALA B 23 -3.03 -23.09 21.42
CA ALA B 23 -3.86 -24.27 21.20
C ALA B 23 -4.07 -24.49 19.72
N ALA B 24 -3.81 -25.71 19.25
CA ALA B 24 -3.89 -26.04 17.84
C ALA B 24 -4.95 -27.11 17.61
N SER B 25 -5.52 -27.11 16.40
CA SER B 25 -6.52 -28.09 16.02
C SER B 25 -6.64 -28.11 14.51
N GLY B 26 -7.36 -29.11 13.99
CA GLY B 26 -7.60 -29.23 12.57
C GLY B 26 -6.53 -29.95 11.79
N PHE B 27 -5.54 -30.53 12.46
CA PHE B 27 -4.48 -31.27 11.78
C PHE B 27 -3.81 -32.20 12.77
N THR B 28 -2.99 -33.10 12.26
CA THR B 28 -2.20 -33.99 13.10
C THR B 28 -1.06 -33.18 13.73
N PHE B 29 -1.16 -32.96 15.05
CA PHE B 29 -0.24 -32.06 15.72
C PHE B 29 1.19 -32.58 15.69
N SER B 30 1.37 -33.88 15.93
CA SER B 30 2.72 -34.44 16.06
C SER B 30 3.44 -34.59 14.73
N SER B 31 2.73 -34.52 13.60
CA SER B 31 3.34 -34.72 12.30
C SER B 31 3.91 -33.45 11.69
N TYR B 32 3.69 -32.29 12.31
CA TYR B 32 4.12 -31.02 11.75
C TYR B 32 4.97 -30.27 12.76
N ALA B 33 6.05 -29.65 12.27
CA ALA B 33 6.85 -28.76 13.08
C ALA B 33 6.08 -27.46 13.35
N MET B 34 6.35 -26.87 14.52
CA MET B 34 5.69 -25.63 14.92
C MET B 34 6.74 -24.61 15.30
N GLY B 35 6.35 -23.34 15.21
CA GLY B 35 7.25 -22.25 15.55
C GLY B 35 6.50 -21.03 16.02
N TRP B 36 7.19 -20.21 16.82
CA TRP B 36 6.64 -18.96 17.30
C TRP B 36 7.22 -17.80 16.49
N TYR B 37 6.35 -16.86 16.12
CA TYR B 37 6.74 -15.67 15.37
C TYR B 37 6.22 -14.44 16.09
N ARG B 38 6.88 -13.31 15.83
CA ARG B 38 6.49 -12.04 16.45
C ARG B 38 6.63 -10.92 15.44
N GLN B 39 5.74 -9.93 15.56
CA GLN B 39 5.74 -8.75 14.70
C GLN B 39 5.60 -7.52 15.59
N ALA B 40 6.63 -6.68 15.62
CA ALA B 40 6.51 -5.44 16.35
C ALA B 40 6.01 -4.33 15.45
N PRO B 41 5.21 -3.40 15.99
CA PRO B 41 4.73 -2.26 15.19
C PRO B 41 5.87 -1.54 14.47
N GLY B 42 5.84 -1.54 13.14
CA GLY B 42 6.85 -0.89 12.34
C GLY B 42 7.90 -1.81 11.75
N LYS B 43 7.93 -3.08 12.16
CA LYS B 43 8.93 -4.03 11.68
C LYS B 43 8.24 -5.29 11.17
N GLU B 44 8.95 -6.02 10.31
CA GLU B 44 8.41 -7.22 9.72
C GLU B 44 8.34 -8.35 10.74
N ARG B 45 7.53 -9.35 10.43
CA ARG B 45 7.40 -10.52 11.29
C ARG B 45 8.71 -11.29 11.35
N GLU B 46 9.13 -11.67 12.55
CA GLU B 46 10.43 -12.30 12.78
C GLU B 46 10.24 -13.65 13.47
N TRP B 47 11.02 -14.63 13.04
CA TRP B 47 10.97 -15.96 13.63
C TRP B 47 11.66 -15.96 14.99
N VAL B 48 11.09 -16.72 15.93
CA VAL B 48 11.58 -16.77 17.32
C VAL B 48 12.15 -18.16 17.65
N CYS B 49 11.32 -19.19 17.62
CA CYS B 49 11.76 -20.54 17.91
C CYS B 49 11.16 -21.50 16.89
N ALA B 50 11.83 -22.64 16.73
CA ALA B 50 11.38 -23.71 15.85
C ALA B 50 11.53 -25.04 16.57
N ILE B 51 10.47 -25.84 16.56
CA ILE B 51 10.45 -27.13 17.24
C ILE B 51 9.89 -28.18 16.30
N SER B 52 10.50 -29.37 16.31
CA SER B 52 10.05 -30.46 15.45
C SER B 52 8.74 -31.05 15.98
N GLY B 53 8.15 -31.92 15.18
CA GLY B 53 6.89 -32.54 15.58
C GLY B 53 7.03 -33.39 16.84
N SER B 54 8.12 -34.14 16.95
CA SER B 54 8.38 -34.93 18.15
C SER B 54 8.91 -34.09 19.31
N GLY B 55 9.41 -32.89 19.04
CA GLY B 55 9.95 -32.04 20.07
C GLY B 55 11.39 -32.32 20.44
N GLY B 56 12.07 -33.22 19.73
CA GLY B 56 13.46 -33.55 20.05
C GLY B 56 14.48 -32.55 19.56
N SER B 57 14.10 -31.70 18.59
CA SER B 57 15.00 -30.72 18.02
C SER B 57 14.36 -29.34 18.13
N THR B 58 15.06 -28.40 18.77
CA THR B 58 14.59 -27.04 18.93
C THR B 58 15.68 -26.07 18.48
N TYR B 59 15.26 -24.99 17.81
CA TYR B 59 16.17 -23.96 17.35
C TYR B 59 15.60 -22.60 17.72
N TYR B 60 16.50 -21.65 17.99
CA TYR B 60 16.11 -20.32 18.45
C TYR B 60 16.86 -19.25 17.69
N ALA B 61 16.24 -18.07 17.60
CA ALA B 61 16.93 -16.90 17.07
C ALA B 61 17.97 -16.41 18.08
N ASP B 62 19.00 -15.73 17.56
CA ASP B 62 20.08 -15.27 18.42
C ASP B 62 19.59 -14.23 19.44
N SER B 63 18.59 -13.44 19.08
CA SER B 63 18.09 -12.42 19.98
C SER B 63 17.39 -13.00 21.20
N VAL B 64 16.89 -14.23 21.11
CA VAL B 64 16.16 -14.85 22.21
C VAL B 64 16.85 -16.08 22.78
N LYS B 65 17.93 -16.55 22.15
CA LYS B 65 18.63 -17.74 22.66
C LYS B 65 19.20 -17.47 24.05
N GLY B 66 18.98 -18.41 24.96
CA GLY B 66 19.35 -18.24 26.34
C GLY B 66 18.34 -17.50 27.19
N ARG B 67 17.25 -17.04 26.60
CA ARG B 67 16.18 -16.35 27.31
C ARG B 67 14.82 -16.97 27.08
N PHE B 68 14.56 -17.47 25.87
CA PHE B 68 13.28 -18.04 25.49
C PHE B 68 13.40 -19.55 25.35
N THR B 69 12.42 -20.28 25.88
CA THR B 69 12.39 -21.73 25.78
C THR B 69 11.14 -22.15 25.02
N CYS B 70 11.34 -22.93 23.97
CA CYS B 70 10.26 -23.41 23.10
C CYS B 70 10.00 -24.87 23.40
N SER B 71 8.74 -25.21 23.70
CA SER B 71 8.35 -26.57 24.05
C SER B 71 6.96 -26.86 23.50
N ARG B 72 6.59 -28.14 23.53
CA ARG B 72 5.31 -28.58 23.03
C ARG B 72 4.86 -29.82 23.77
N ASP B 73 3.55 -29.99 23.88
CA ASP B 73 2.93 -31.19 24.47
C ASP B 73 2.07 -31.83 23.40
N ASN B 74 2.52 -32.97 22.87
CA ASN B 74 1.79 -33.66 21.82
C ASN B 74 0.61 -34.47 22.37
N SER B 75 0.59 -34.79 23.67
CA SER B 75 -0.59 -35.40 24.26
C SER B 75 -1.77 -34.44 24.20
N LYS B 76 -1.53 -33.18 24.59
CA LYS B 76 -2.45 -32.10 24.29
C LYS B 76 -2.16 -31.61 22.88
N ASN B 77 -2.73 -30.47 22.50
CA ASN B 77 -2.44 -29.86 21.21
C ASN B 77 -1.99 -28.41 21.40
N THR B 78 -1.06 -28.23 22.33
CA THR B 78 -0.64 -26.92 22.77
C THR B 78 0.86 -26.72 22.53
N LEU B 79 1.22 -25.52 22.08
CA LEU B 79 2.60 -25.10 21.93
C LEU B 79 2.90 -24.03 22.97
N TYR B 80 4.07 -24.11 23.59
CA TYR B 80 4.44 -23.23 24.69
C TYR B 80 5.67 -22.42 24.33
N LEU B 81 5.74 -21.20 24.87
CA LEU B 81 6.91 -20.32 24.71
C LEU B 81 7.16 -19.66 26.07
N GLN B 82 8.19 -20.12 26.76
CA GLN B 82 8.58 -19.58 28.06
C GLN B 82 9.62 -18.49 27.84
N MET B 83 9.26 -17.25 28.16
CA MET B 83 10.11 -16.09 27.94
C MET B 83 10.63 -15.59 29.28
N ASN B 84 11.95 -15.58 29.43
CA ASN B 84 12.60 -15.12 30.65
C ASN B 84 13.52 -13.95 30.33
N SER B 85 13.78 -13.13 31.36
CA SER B 85 14.65 -11.96 31.24
C SER B 85 14.22 -11.07 30.09
N LEU B 86 12.93 -10.73 30.08
CA LEU B 86 12.37 -9.95 28.99
C LEU B 86 12.93 -8.54 28.97
N LYS B 87 12.97 -7.96 27.78
CA LYS B 87 13.49 -6.63 27.54
C LYS B 87 12.50 -5.86 26.67
N PRO B 88 12.56 -4.53 26.66
CA PRO B 88 11.58 -3.75 25.88
C PRO B 88 11.56 -4.09 24.40
N GLU B 89 12.66 -4.58 23.84
CA GLU B 89 12.69 -4.95 22.44
C GLU B 89 11.83 -6.18 22.13
N ASP B 90 11.38 -6.90 23.15
CA ASP B 90 10.54 -8.08 22.96
C ASP B 90 9.06 -7.73 22.85
N THR B 91 8.70 -6.45 22.90
CA THR B 91 7.30 -6.06 22.82
C THR B 91 6.80 -6.22 21.38
N ALA B 92 5.83 -7.11 21.19
CA ALA B 92 5.28 -7.40 19.88
C ALA B 92 4.06 -8.29 20.06
N VAL B 93 3.38 -8.56 18.95
CA VAL B 93 2.32 -9.56 18.91
C VAL B 93 2.94 -10.88 18.50
N TYR B 94 2.79 -11.90 19.34
CA TYR B 94 3.43 -13.19 19.12
C TYR B 94 2.45 -14.17 18.49
N TYR B 95 2.89 -14.81 17.42
CA TYR B 95 2.06 -15.73 16.65
C TYR B 95 2.68 -17.12 16.65
N CYS B 96 1.83 -18.14 16.59
CA CYS B 96 2.24 -19.51 16.38
C CYS B 96 1.77 -19.97 15.01
N ALA B 97 2.57 -20.81 14.36
CA ALA B 97 2.24 -21.26 13.01
C ALA B 97 2.90 -22.60 12.74
N ARG B 98 2.27 -23.38 11.87
CA ARG B 98 2.90 -24.57 11.33
C ARG B 98 4.05 -24.17 10.40
N GLN B 99 5.05 -25.04 10.31
CA GLN B 99 6.20 -24.75 9.47
C GLN B 99 6.74 -26.04 8.86
N ALA B 100 7.38 -25.89 7.70
CA ALA B 100 7.99 -27.01 6.99
C ALA B 100 9.50 -26.84 7.01
N TRP B 101 10.21 -27.86 7.44
CA TRP B 101 11.66 -27.84 7.50
C TRP B 101 12.24 -28.40 6.20
N TYR B 102 13.14 -27.65 5.57
CA TYR B 102 13.75 -28.07 4.33
C TYR B 102 15.27 -28.06 4.46
N TYR B 103 15.92 -28.93 3.69
CA TYR B 103 17.36 -29.07 3.69
C TYR B 103 17.91 -28.76 2.31
N SER B 104 19.10 -28.17 2.27
CA SER B 104 19.78 -27.80 1.05
C SER B 104 20.94 -28.74 0.78
N PRO B 105 21.47 -28.76 -0.45
CA PRO B 105 22.57 -29.70 -0.75
C PRO B 105 23.81 -29.49 0.11
N TYR B 106 23.95 -28.35 0.77
CA TYR B 106 25.08 -28.13 1.66
C TYR B 106 24.68 -27.58 3.03
N GLY B 107 23.40 -27.29 3.25
CA GLY B 107 22.93 -26.74 4.51
C GLY B 107 22.13 -27.74 5.32
N GLY B 108 21.64 -27.25 6.46
CA GLY B 108 20.89 -28.07 7.39
C GLY B 108 19.44 -27.67 7.48
N PRO B 109 18.87 -27.76 8.68
CA PRO B 109 17.44 -27.46 8.86
C PRO B 109 17.15 -25.97 8.68
N GLU B 110 16.27 -25.66 7.73
CA GLU B 110 15.78 -24.31 7.52
C GLU B 110 14.26 -24.34 7.54
N PHE B 111 13.66 -23.26 8.02
CA PHE B 111 12.25 -23.24 8.36
C PHE B 111 11.47 -22.32 7.41
N GLU B 112 10.27 -22.76 7.03
CA GLU B 112 9.35 -21.97 6.22
C GLU B 112 7.98 -22.01 6.89
N ALA B 113 7.47 -20.83 7.24
CA ALA B 113 6.19 -20.74 7.94
C ALA B 113 5.03 -20.95 6.97
N PHE B 114 4.06 -21.76 7.40
CA PHE B 114 2.81 -21.87 6.67
C PHE B 114 2.07 -20.54 6.73
N ASP B 115 1.51 -20.12 5.59
CA ASP B 115 0.86 -18.81 5.55
C ASP B 115 -0.55 -18.88 6.11
N TYR B 116 -0.69 -19.44 7.30
CA TYR B 116 -1.94 -19.44 8.05
C TYR B 116 -1.64 -18.91 9.44
N TRP B 117 -2.38 -17.87 9.85
CA TRP B 117 -2.06 -17.15 11.08
C TRP B 117 -3.30 -16.99 11.94
N GLY B 118 -3.10 -17.06 13.26
CA GLY B 118 -4.13 -16.74 14.22
C GLY B 118 -4.09 -15.28 14.61
N GLN B 119 -4.87 -14.95 15.64
CA GLN B 119 -4.94 -13.56 16.08
C GLN B 119 -3.65 -13.14 16.79
N GLY B 120 -2.99 -14.06 17.49
CA GLY B 120 -1.80 -13.73 18.24
C GLY B 120 -2.13 -13.14 19.59
N THR B 121 -1.09 -13.03 20.42
CA THR B 121 -1.22 -12.48 21.76
C THR B 121 -0.25 -11.32 21.93
N GLN B 122 -0.70 -10.29 22.65
CA GLN B 122 0.08 -9.07 22.83
C GLN B 122 0.97 -9.19 24.06
N VAL B 123 2.26 -8.94 23.87
CA VAL B 123 3.23 -8.89 24.97
C VAL B 123 3.86 -7.51 24.96
N THR B 124 3.70 -6.78 26.05
CA THR B 124 4.25 -5.43 26.19
C THR B 124 5.23 -5.42 27.34
N VAL B 125 6.47 -5.05 27.07
CA VAL B 125 7.54 -4.99 28.07
C VAL B 125 7.84 -3.53 28.34
N SER B 126 7.64 -3.10 29.59
CA SER B 126 7.88 -1.72 29.98
C SER B 126 7.94 -1.60 31.50
N GLU C 1 -27.37 -1.20 -11.65
CA GLU C 1 -26.11 -1.24 -12.39
C GLU C 1 -24.98 -1.74 -11.50
N VAL C 2 -23.75 -1.66 -12.01
CA VAL C 2 -22.59 -2.07 -11.23
C VAL C 2 -22.17 -0.90 -10.33
N GLN C 3 -21.87 -1.21 -9.08
CA GLN C 3 -21.60 -0.17 -8.08
C GLN C 3 -21.09 -0.83 -6.81
N LEU C 4 -20.15 -0.16 -6.14
CA LEU C 4 -19.67 -0.57 -4.83
C LEU C 4 -19.98 0.53 -3.84
N VAL C 5 -20.73 0.20 -2.79
CA VAL C 5 -21.16 1.16 -1.79
C VAL C 5 -20.42 0.85 -0.49
N GLU C 6 -19.63 1.81 -0.01
CA GLU C 6 -18.84 1.66 1.20
C GLU C 6 -19.48 2.40 2.37
N SER C 7 -19.16 1.94 3.58
CA SER C 7 -19.68 2.54 4.79
C SER C 7 -18.88 2.01 5.97
N GLY C 8 -19.07 2.63 7.13
CA GLY C 8 -18.50 2.15 8.37
C GLY C 8 -17.29 2.89 8.89
N GLY C 9 -17.03 4.12 8.43
CA GLY C 9 -15.87 4.88 8.84
C GLY C 9 -16.25 6.10 9.67
N GLY C 10 -15.36 6.48 10.58
CA GLY C 10 -15.55 7.64 11.42
C GLY C 10 -14.28 8.04 12.14
N LEU C 11 -14.40 8.51 13.37
CA LEU C 11 -13.25 8.86 14.20
C LEU C 11 -13.12 7.88 15.35
N ILE C 12 -11.87 7.52 15.67
CA ILE C 12 -11.59 6.44 16.62
C ILE C 12 -10.23 6.69 17.24
N GLN C 13 -10.08 6.31 18.51
CA GLN C 13 -8.84 6.51 19.24
C GLN C 13 -7.81 5.44 18.87
N PRO C 14 -6.52 5.73 19.09
CA PRO C 14 -5.50 4.70 18.85
C PRO C 14 -5.76 3.45 19.68
N GLY C 15 -5.57 2.30 19.06
CA GLY C 15 -5.96 1.05 19.66
C GLY C 15 -7.42 0.71 19.51
N GLY C 16 -8.19 1.53 18.79
CA GLY C 16 -9.60 1.29 18.58
C GLY C 16 -9.85 0.29 17.48
N SER C 17 -11.14 0.07 17.21
CA SER C 17 -11.57 -0.94 16.24
C SER C 17 -12.72 -0.40 15.41
N LEU C 18 -12.70 -0.74 14.11
CA LEU C 18 -13.78 -0.35 13.21
C LEU C 18 -13.85 -1.38 12.08
N ARG C 19 -15.02 -1.45 11.45
CA ARG C 19 -15.28 -2.38 10.37
C ARG C 19 -15.81 -1.63 9.17
N LEU C 20 -15.13 -1.76 8.03
CA LEU C 20 -15.60 -1.21 6.77
C LEU C 20 -16.39 -2.25 6.01
N SER C 21 -17.44 -1.80 5.31
CA SER C 21 -18.29 -2.67 4.53
C SER C 21 -18.39 -2.12 3.11
N CYS C 22 -18.21 -2.99 2.13
CA CYS C 22 -18.28 -2.63 0.71
C CYS C 22 -19.35 -3.49 0.05
N ALA C 23 -20.59 -3.02 0.09
CA ALA C 23 -21.68 -3.70 -0.59
C ALA C 23 -21.52 -3.58 -2.09
N ALA C 24 -21.82 -4.66 -2.81
CA ALA C 24 -21.56 -4.73 -4.24
C ALA C 24 -22.82 -5.10 -5.01
N SER C 25 -22.98 -4.49 -6.18
CA SER C 25 -24.02 -4.86 -7.12
C SER C 25 -23.41 -4.90 -8.52
N GLY C 26 -23.92 -5.78 -9.36
CA GLY C 26 -23.39 -5.97 -10.69
C GLY C 26 -22.19 -6.88 -10.76
N LEU C 27 -21.68 -7.35 -9.63
CA LEU C 27 -20.59 -8.31 -9.60
C LEU C 27 -20.72 -9.15 -8.34
N THR C 28 -20.10 -10.33 -8.36
CA THR C 28 -20.13 -11.26 -7.23
C THR C 28 -18.80 -11.16 -6.49
N VAL C 29 -18.87 -10.79 -5.21
CA VAL C 29 -17.65 -10.61 -4.41
C VAL C 29 -16.91 -11.93 -4.27
N SER C 30 -17.64 -13.01 -4.01
CA SER C 30 -17.01 -14.31 -3.77
C SER C 30 -16.33 -14.89 -5.00
N SER C 31 -16.55 -14.31 -6.18
CA SER C 31 -15.96 -14.83 -7.41
C SER C 31 -14.91 -13.90 -8.00
N ASN C 32 -14.46 -12.89 -7.25
CA ASN C 32 -13.56 -11.88 -7.78
C ASN C 32 -12.44 -11.60 -6.79
N TYR C 33 -11.33 -11.07 -7.33
CA TYR C 33 -10.32 -10.43 -6.51
C TYR C 33 -10.87 -9.11 -5.99
N MET C 34 -10.97 -8.97 -4.67
CA MET C 34 -11.48 -7.76 -4.05
C MET C 34 -10.38 -7.14 -3.19
N SER C 35 -10.06 -5.88 -3.45
CA SER C 35 -8.93 -5.22 -2.82
C SER C 35 -9.38 -3.97 -2.10
N TRP C 36 -8.61 -3.60 -1.07
CA TRP C 36 -8.79 -2.34 -0.35
C TRP C 36 -7.59 -1.45 -0.63
N VAL C 37 -7.85 -0.20 -0.99
CA VAL C 37 -6.82 0.79 -1.29
C VAL C 37 -7.11 2.04 -0.47
N ARG C 38 -6.09 2.58 0.19
CA ARG C 38 -6.23 3.75 1.03
C ARG C 38 -5.40 4.90 0.48
N GLN C 39 -5.87 6.12 0.72
CA GLN C 39 -5.22 7.34 0.25
C GLN C 39 -5.09 8.30 1.43
N ALA C 40 -3.87 8.49 1.91
CA ALA C 40 -3.63 9.40 3.02
C ALA C 40 -3.88 10.84 2.58
N PRO C 41 -4.21 11.73 3.53
CA PRO C 41 -4.46 13.13 3.17
C PRO C 41 -3.27 13.77 2.48
N GLY C 42 -3.47 14.16 1.23
CA GLY C 42 -2.45 14.80 0.44
C GLY C 42 -1.41 13.88 -0.17
N LYS C 43 -1.57 12.56 -0.03
CA LYS C 43 -0.60 11.59 -0.51
C LYS C 43 -1.22 10.77 -1.65
N GLY C 44 -0.47 9.77 -2.11
CA GLY C 44 -0.90 8.91 -3.19
C GLY C 44 -1.74 7.74 -2.72
N LEU C 45 -1.72 6.67 -3.51
CA LEU C 45 -2.50 5.47 -3.23
C LEU C 45 -1.59 4.35 -2.74
N GLU C 46 -2.15 3.48 -1.91
CA GLU C 46 -1.41 2.34 -1.37
C GLU C 46 -2.35 1.16 -1.21
N TRP C 47 -1.89 -0.01 -1.63
CA TRP C 47 -2.67 -1.23 -1.46
C TRP C 47 -2.70 -1.63 0.01
N VAL C 48 -3.85 -2.14 0.46
CA VAL C 48 -4.04 -2.55 1.85
C VAL C 48 -4.16 -4.07 1.96
N SER C 49 -5.17 -4.65 1.32
CA SER C 49 -5.42 -6.08 1.44
C SER C 49 -6.19 -6.55 0.21
N VAL C 50 -6.20 -7.86 0.01
CA VAL C 50 -6.93 -8.48 -1.09
C VAL C 50 -7.41 -9.85 -0.63
N ILE C 51 -8.61 -10.23 -1.08
CA ILE C 51 -9.16 -11.55 -0.85
C ILE C 51 -9.42 -12.21 -2.20
N TYR C 52 -8.99 -13.46 -2.34
CA TYR C 52 -9.19 -14.20 -3.57
C TYR C 52 -10.58 -14.83 -3.60
N SER C 53 -10.98 -15.27 -4.79
CA SER C 53 -12.23 -16.02 -4.90
C SER C 53 -12.16 -17.34 -4.15
N GLY C 54 -10.96 -17.92 -4.06
CA GLY C 54 -10.74 -19.15 -3.32
C GLY C 54 -10.60 -19.00 -1.83
N GLY C 55 -10.62 -17.78 -1.31
CA GLY C 55 -10.56 -17.54 0.12
C GLY C 55 -9.21 -17.07 0.64
N SER C 56 -8.16 -17.15 -0.16
CA SER C 56 -6.84 -16.74 0.30
C SER C 56 -6.81 -15.22 0.53
N THR C 57 -6.22 -14.81 1.65
CA THR C 57 -6.15 -13.42 2.04
C THR C 57 -4.69 -12.98 2.11
N PHE C 58 -4.41 -11.80 1.57
CA PHE C 58 -3.08 -11.22 1.60
C PHE C 58 -3.19 -9.78 2.10
N TYR C 59 -2.18 -9.34 2.87
CA TYR C 59 -2.21 -8.05 3.52
C TYR C 59 -0.88 -7.33 3.30
N ALA C 60 -0.94 -6.01 3.38
CA ALA C 60 0.28 -5.21 3.41
C ALA C 60 1.01 -5.43 4.72
N ASP C 61 2.33 -5.25 4.69
CA ASP C 61 3.15 -5.53 5.88
C ASP C 61 2.79 -4.61 7.03
N SER C 62 2.38 -3.38 6.74
CA SER C 62 2.01 -2.43 7.80
C SER C 62 0.68 -2.76 8.46
N VAL C 63 -0.12 -3.66 7.88
CA VAL C 63 -1.43 -3.98 8.43
C VAL C 63 -1.62 -5.47 8.68
N LYS C 64 -0.62 -6.30 8.40
CA LYS C 64 -0.76 -7.74 8.63
C LYS C 64 -0.86 -8.02 10.12
N GLY C 65 -1.87 -8.81 10.50
CA GLY C 65 -2.12 -9.13 11.88
C GLY C 65 -3.12 -8.21 12.57
N ARG C 66 -3.18 -6.94 12.15
CA ARG C 66 -4.13 -6.00 12.71
C ARG C 66 -5.41 -5.92 11.88
N PHE C 67 -5.27 -5.85 10.56
CA PHE C 67 -6.40 -5.75 9.65
C PHE C 67 -6.80 -7.14 9.18
N THR C 68 -8.11 -7.37 9.08
CA THR C 68 -8.64 -8.65 8.61
C THR C 68 -9.67 -8.39 7.53
N ILE C 69 -9.45 -8.96 6.36
CA ILE C 69 -10.37 -8.85 5.23
C ILE C 69 -11.29 -10.07 5.23
N SER C 70 -12.56 -9.86 4.88
CA SER C 70 -13.53 -10.93 4.88
C SER C 70 -14.68 -10.55 3.95
N ARG C 71 -15.55 -11.52 3.70
CA ARG C 71 -16.69 -11.30 2.82
C ARG C 71 -17.85 -12.17 3.27
N ASP C 72 -19.06 -11.75 2.92
CA ASP C 72 -20.28 -12.51 3.18
C ASP C 72 -21.05 -12.60 1.87
N ASN C 73 -21.14 -13.82 1.33
CA ASN C 73 -21.84 -14.02 0.05
C ASN C 73 -23.34 -13.80 0.20
N SER C 74 -23.91 -14.09 1.37
CA SER C 74 -25.34 -13.91 1.56
C SER C 74 -25.74 -12.44 1.44
N LYS C 75 -24.85 -11.53 1.84
CA LYS C 75 -25.09 -10.10 1.67
C LYS C 75 -24.30 -9.49 0.53
N ASN C 76 -23.41 -10.25 -0.11
CA ASN C 76 -22.59 -9.77 -1.22
C ASN C 76 -21.83 -8.50 -0.83
N THR C 77 -21.23 -8.54 0.36
CA THR C 77 -20.52 -7.40 0.93
C THR C 77 -19.11 -7.80 1.31
N LEU C 78 -18.16 -6.92 1.02
CA LEU C 78 -16.77 -7.12 1.39
C LEU C 78 -16.45 -6.31 2.64
N TYR C 79 -15.72 -6.92 3.57
CA TYR C 79 -15.46 -6.32 4.87
C TYR C 79 -13.97 -6.12 5.09
N LEU C 80 -13.66 -5.17 5.97
CA LEU C 80 -12.27 -4.90 6.39
C LEU C 80 -12.31 -4.54 7.87
N GLN C 81 -11.99 -5.50 8.72
CA GLN C 81 -11.90 -5.27 10.16
C GLN C 81 -10.55 -4.66 10.47
N MET C 82 -10.55 -3.48 11.10
CA MET C 82 -9.33 -2.75 11.40
C MET C 82 -9.19 -2.61 12.91
N ASN C 83 -8.19 -3.29 13.47
CA ASN C 83 -7.95 -3.29 14.91
C ASN C 83 -6.56 -2.71 15.19
N SER C 84 -6.37 -2.30 16.44
CA SER C 84 -5.11 -1.70 16.90
C SER C 84 -4.70 -0.54 15.99
N LEU C 85 -5.66 0.36 15.76
CA LEU C 85 -5.46 1.43 14.80
C LEU C 85 -4.40 2.43 15.29
N ARG C 86 -3.55 2.85 14.36
CA ARG C 86 -2.51 3.83 14.65
C ARG C 86 -2.66 5.03 13.73
N ALA C 87 -1.87 6.07 14.01
CA ALA C 87 -1.95 7.31 13.24
C ALA C 87 -1.60 7.11 11.78
N GLU C 88 -0.90 6.03 11.43
CA GLU C 88 -0.59 5.74 10.04
C GLU C 88 -1.82 5.36 9.23
N ASP C 89 -2.90 4.94 9.87
CA ASP C 89 -4.05 4.38 9.18
C ASP C 89 -5.11 5.41 8.83
N THR C 90 -4.89 6.69 9.14
CA THR C 90 -5.86 7.71 8.76
C THR C 90 -5.76 7.99 7.26
N ALA C 91 -6.84 7.72 6.54
CA ALA C 91 -6.87 7.83 5.09
C ALA C 91 -8.29 7.56 4.62
N VAL C 92 -8.55 7.89 3.36
CA VAL C 92 -9.79 7.51 2.69
C VAL C 92 -9.59 6.11 2.12
N TYR C 93 -10.44 5.18 2.55
CA TYR C 93 -10.30 3.78 2.19
C TYR C 93 -11.23 3.46 1.03
N TYR C 94 -10.68 2.85 -0.03
CA TYR C 94 -11.40 2.54 -1.24
C TYR C 94 -11.49 1.02 -1.39
N CYS C 95 -12.69 0.52 -1.65
CA CYS C 95 -12.89 -0.87 -2.02
C CYS C 95 -12.98 -0.96 -3.54
N ALA C 96 -12.33 -1.97 -4.11
CA ALA C 96 -12.27 -2.09 -5.56
C ALA C 96 -12.20 -3.56 -5.97
N ARG C 97 -12.68 -3.82 -7.17
CA ARG C 97 -12.61 -5.15 -7.76
C ARG C 97 -11.34 -5.22 -8.61
N ASP C 98 -10.49 -6.19 -8.31
CA ASP C 98 -9.20 -6.34 -8.97
C ASP C 98 -9.31 -7.34 -10.10
N LEU C 99 -8.78 -6.97 -11.27
CA LEU C 99 -8.71 -7.86 -12.42
C LEU C 99 -7.27 -8.18 -12.81
N ASP C 100 -6.33 -7.99 -11.89
CA ASP C 100 -4.93 -8.38 -12.02
C ASP C 100 -4.32 -7.58 -13.18
N VAL C 101 -3.91 -8.23 -14.28
CA VAL C 101 -3.29 -7.51 -15.40
C VAL C 101 -4.28 -6.55 -16.05
N TYR C 102 -5.58 -6.77 -15.88
CA TYR C 102 -6.59 -5.88 -16.42
C TYR C 102 -6.90 -4.69 -15.52
N GLY C 103 -6.31 -4.65 -14.32
CA GLY C 103 -6.39 -3.48 -13.48
C GLY C 103 -7.62 -3.46 -12.58
N LEU C 104 -7.73 -2.34 -11.85
CA LEU C 104 -8.86 -2.10 -10.95
C LEU C 104 -9.90 -1.28 -11.70
N ASP C 105 -10.97 -1.94 -12.13
CA ASP C 105 -11.95 -1.30 -12.99
C ASP C 105 -13.11 -0.66 -12.22
N VAL C 106 -13.60 -1.32 -11.17
CA VAL C 106 -14.73 -0.84 -10.39
C VAL C 106 -14.22 -0.38 -9.03
N TRP C 107 -14.59 0.85 -8.65
CA TRP C 107 -14.19 1.42 -7.37
C TRP C 107 -15.41 1.88 -6.59
N GLY C 108 -15.25 1.95 -5.27
CA GLY C 108 -16.25 2.55 -4.42
C GLY C 108 -15.98 4.01 -4.16
N GLN C 109 -17.00 4.71 -3.65
CA GLN C 109 -16.88 6.15 -3.44
C GLN C 109 -15.82 6.48 -2.39
N GLY C 110 -15.54 5.57 -1.48
CA GLY C 110 -14.54 5.79 -0.47
C GLY C 110 -15.14 6.05 0.90
N THR C 111 -14.37 5.75 1.94
CA THR C 111 -14.79 5.96 3.31
C THR C 111 -13.64 6.53 4.11
N THR C 112 -13.90 7.61 4.83
CA THR C 112 -12.86 8.31 5.59
C THR C 112 -12.75 7.71 6.98
N VAL C 113 -11.55 7.27 7.33
CA VAL C 113 -11.24 6.79 8.68
C VAL C 113 -10.19 7.74 9.24
N THR C 114 -10.55 8.49 10.28
CA THR C 114 -9.63 9.40 10.95
C THR C 114 -9.39 8.89 12.36
N VAL C 115 -8.24 8.25 12.57
CA VAL C 115 -7.89 7.80 13.91
C VAL C 115 -7.54 9.02 14.77
N SER C 116 -8.07 9.04 15.98
CA SER C 116 -8.01 10.23 16.83
C SER C 116 -6.64 10.29 17.52
N SER C 117 -5.63 10.66 16.74
CA SER C 117 -4.31 10.88 17.32
C SER C 117 -4.34 11.99 18.36
N ALA C 118 -5.16 13.02 18.12
CA ALA C 118 -5.38 14.09 19.08
C ALA C 118 -6.85 14.10 19.49
N SER C 119 -7.11 14.73 20.63
CA SER C 119 -8.48 14.85 21.11
C SER C 119 -9.26 15.85 20.26
N THR C 120 -10.58 15.69 20.26
CA THR C 120 -11.46 16.59 19.51
C THR C 120 -11.45 17.96 20.17
N LYS C 121 -10.74 18.92 19.58
CA LYS C 121 -10.57 20.24 20.15
C LYS C 121 -11.19 21.28 19.22
N GLY C 122 -11.90 22.24 19.82
CA GLY C 122 -12.45 23.36 19.08
C GLY C 122 -11.37 24.33 18.65
N PRO C 123 -11.68 25.19 17.69
CA PRO C 123 -10.68 26.12 17.18
C PRO C 123 -10.68 27.46 17.88
N SER C 124 -9.49 28.04 17.99
CA SER C 124 -9.31 29.40 18.48
C SER C 124 -9.16 30.34 17.28
N VAL C 125 -10.05 31.32 17.19
CA VAL C 125 -10.09 32.22 16.04
C VAL C 125 -9.37 33.51 16.41
N PHE C 126 -8.39 33.90 15.59
CA PHE C 126 -7.62 35.11 15.80
C PHE C 126 -7.73 36.02 14.60
N PRO C 127 -7.87 37.33 14.80
CA PRO C 127 -8.07 38.24 13.67
C PRO C 127 -6.78 38.55 12.92
N LEU C 128 -6.90 38.64 11.60
CA LEU C 128 -5.83 39.11 10.73
C LEU C 128 -6.23 40.51 10.29
N ALA C 129 -5.84 41.50 11.09
CA ALA C 129 -6.34 42.86 10.91
C ALA C 129 -5.78 43.47 9.63
N PRO C 130 -6.60 44.20 8.88
CA PRO C 130 -6.08 44.96 7.73
C PRO C 130 -5.19 46.09 8.20
N SER C 131 -4.20 46.43 7.36
CA SER C 131 -3.23 47.45 7.70
C SER C 131 -2.63 48.01 6.42
N SER C 132 -1.72 48.97 6.58
CA SER C 132 -1.00 49.52 5.43
C SER C 132 -0.15 48.45 4.75
N LYS C 133 0.42 47.55 5.55
CA LYS C 133 1.15 46.41 4.99
C LYS C 133 0.24 45.37 4.37
N SER C 134 -1.08 45.52 4.53
CA SER C 134 -2.07 44.65 3.90
C SER C 134 -2.97 45.41 2.93
N THR C 135 -2.55 46.59 2.50
CA THR C 135 -3.33 47.44 1.62
C THR C 135 -2.71 47.45 0.23
N SER C 136 -3.54 47.24 -0.79
CA SER C 136 -3.10 47.21 -2.18
C SER C 136 -3.70 48.38 -2.98
N GLY C 137 -3.69 49.56 -2.38
CA GLY C 137 -4.27 50.74 -3.02
C GLY C 137 -5.73 50.96 -2.60
N GLY C 138 -6.64 50.69 -3.53
CA GLY C 138 -8.06 50.76 -3.25
C GLY C 138 -8.66 49.49 -2.71
N THR C 139 -7.87 48.43 -2.53
CA THR C 139 -8.34 47.16 -2.02
C THR C 139 -7.42 46.71 -0.89
N ALA C 140 -8.01 46.24 0.20
CA ALA C 140 -7.27 45.79 1.37
C ALA C 140 -7.64 44.36 1.71
N ALA C 141 -6.70 43.66 2.35
CA ALA C 141 -6.87 42.25 2.69
C ALA C 141 -6.99 42.09 4.20
N LEU C 142 -7.93 41.23 4.62
CA LEU C 142 -8.12 40.89 6.02
C LEU C 142 -8.64 39.47 6.10
N GLY C 143 -8.60 38.91 7.30
CA GLY C 143 -9.07 37.55 7.46
C GLY C 143 -9.02 37.11 8.91
N CYS C 144 -9.19 35.80 9.09
CA CYS C 144 -9.18 35.17 10.41
C CYS C 144 -8.26 33.96 10.38
N LEU C 145 -7.59 33.71 11.49
CA LEU C 145 -6.73 32.54 11.65
C LEU C 145 -7.44 31.51 12.53
N VAL C 146 -7.73 30.36 11.95
CA VAL C 146 -8.42 29.27 12.64
C VAL C 146 -7.36 28.23 12.99
N LYS C 147 -6.97 28.20 14.27
CA LYS C 147 -5.80 27.45 14.70
C LYS C 147 -6.17 26.42 15.75
N ASP C 148 -5.44 25.29 15.73
CA ASP C 148 -5.47 24.27 16.78
C ASP C 148 -6.88 23.69 16.95
N TYR C 149 -7.33 23.02 15.90
CA TYR C 149 -8.60 22.30 15.94
C TYR C 149 -8.42 20.88 15.41
N PHE C 150 -9.26 19.97 15.92
CA PHE C 150 -9.26 18.57 15.52
C PHE C 150 -10.64 18.01 15.81
N PRO C 151 -11.23 17.22 14.90
CA PRO C 151 -10.70 16.94 13.56
C PRO C 151 -11.30 17.86 12.50
N GLU C 152 -11.08 17.52 11.23
CA GLU C 152 -11.76 18.20 10.15
C GLU C 152 -13.24 17.80 10.14
N PRO C 153 -14.12 18.63 9.55
CA PRO C 153 -13.84 19.92 8.90
C PRO C 153 -14.25 21.13 9.70
N VAL C 154 -13.87 22.31 9.22
CA VAL C 154 -14.34 23.59 9.75
C VAL C 154 -14.91 24.39 8.59
N THR C 155 -16.02 25.07 8.84
CA THR C 155 -16.67 25.92 7.85
C THR C 155 -16.49 27.37 8.23
N VAL C 156 -16.00 28.18 7.29
CA VAL C 156 -15.79 29.61 7.51
C VAL C 156 -16.61 30.36 6.48
N SER C 157 -17.48 31.25 6.95
CA SER C 157 -18.24 32.15 6.10
C SER C 157 -17.94 33.58 6.52
N TRP C 158 -18.25 34.53 5.62
CA TRP C 158 -17.98 35.94 5.85
C TRP C 158 -19.28 36.72 5.76
N ASN C 159 -19.60 37.45 6.83
CA ASN C 159 -20.82 38.25 6.91
C ASN C 159 -22.07 37.41 6.64
N SER C 160 -22.10 36.21 7.22
CA SER C 160 -23.21 35.26 7.05
C SER C 160 -23.45 34.93 5.60
N GLY C 161 -22.38 34.89 4.79
CA GLY C 161 -22.49 34.58 3.38
C GLY C 161 -22.73 35.78 2.49
N ALA C 162 -22.92 36.97 3.04
CA ALA C 162 -23.17 38.16 2.24
C ALA C 162 -21.94 38.62 1.47
N LEU C 163 -20.75 38.13 1.82
CA LEU C 163 -19.51 38.50 1.16
C LEU C 163 -18.85 37.22 0.63
N THR C 164 -18.81 37.08 -0.69
CA THR C 164 -18.22 35.91 -1.34
C THR C 164 -17.07 36.26 -2.26
N SER C 165 -17.17 37.35 -3.00
CA SER C 165 -16.10 37.73 -3.93
C SER C 165 -14.84 38.12 -3.16
N GLY C 166 -13.71 37.55 -3.57
CA GLY C 166 -12.45 37.81 -2.90
C GLY C 166 -12.17 36.93 -1.69
N VAL C 167 -13.09 36.05 -1.33
CA VAL C 167 -12.91 35.19 -0.16
C VAL C 167 -12.08 33.98 -0.57
N HIS C 168 -10.97 33.76 0.13
CA HIS C 168 -10.09 32.61 -0.08
C HIS C 168 -9.93 31.88 1.24
N THR C 169 -10.62 30.74 1.37
CA THR C 169 -10.48 29.87 2.54
C THR C 169 -9.49 28.77 2.18
N PHE C 170 -8.30 28.84 2.79
CA PHE C 170 -7.19 27.98 2.42
C PHE C 170 -7.38 26.56 2.96
N PRO C 171 -6.79 25.57 2.29
CA PRO C 171 -6.84 24.20 2.81
C PRO C 171 -6.14 24.09 4.17
N ALA C 172 -6.65 23.17 4.98
CA ALA C 172 -6.12 23.01 6.33
C ALA C 172 -4.72 22.40 6.31
N VAL C 173 -3.94 22.75 7.33
CA VAL C 173 -2.60 22.21 7.52
C VAL C 173 -2.54 21.54 8.89
N LEU C 174 -1.87 20.39 8.96
CA LEU C 174 -1.70 19.67 10.22
C LEU C 174 -0.36 20.07 10.84
N GLN C 175 -0.43 20.67 12.03
CA GLN C 175 0.77 21.14 12.71
C GLN C 175 1.43 19.98 13.47
N SER C 176 2.58 20.27 14.07
CA SER C 176 3.32 19.25 14.81
C SER C 176 2.59 18.79 16.06
N SER C 177 1.63 19.56 16.55
CA SER C 177 0.85 19.19 17.73
C SER C 177 -0.27 18.21 17.41
N GLY C 178 -0.44 17.84 16.14
CA GLY C 178 -1.54 17.00 15.73
C GLY C 178 -2.84 17.73 15.49
N LEU C 179 -2.86 19.05 15.66
CA LEU C 179 -4.05 19.86 15.47
C LEU C 179 -4.00 20.59 14.14
N TYR C 180 -5.16 20.76 13.53
CA TYR C 180 -5.24 21.42 12.24
C TYR C 180 -5.28 22.94 12.40
N SER C 181 -4.85 23.65 11.36
CA SER C 181 -4.91 25.09 11.31
C SER C 181 -5.36 25.52 9.92
N LEU C 182 -6.04 26.66 9.86
CA LEU C 182 -6.59 27.15 8.59
C LEU C 182 -6.68 28.67 8.66
N SER C 183 -6.65 29.30 7.48
CA SER C 183 -6.81 30.74 7.37
C SER C 183 -7.78 31.05 6.24
N SER C 184 -8.69 31.98 6.48
CA SER C 184 -9.61 32.49 5.48
C SER C 184 -9.40 33.98 5.35
N VAL C 185 -9.18 34.44 4.11
CA VAL C 185 -8.90 35.84 3.84
C VAL C 185 -9.87 36.36 2.80
N VAL C 186 -10.07 37.68 2.81
CA VAL C 186 -10.94 38.36 1.86
C VAL C 186 -10.30 39.69 1.50
N THR C 187 -10.40 40.07 0.22
CA THR C 187 -9.90 41.35 -0.25
C THR C 187 -11.09 42.31 -0.39
N VAL C 188 -11.04 43.41 0.35
CA VAL C 188 -12.15 44.35 0.44
C VAL C 188 -11.64 45.74 0.15
N PRO C 189 -12.51 46.66 -0.28
CA PRO C 189 -12.03 48.03 -0.56
C PRO C 189 -11.48 48.70 0.69
N SER C 190 -10.41 49.47 0.49
CA SER C 190 -9.76 50.16 1.60
C SER C 190 -10.64 51.27 2.19
N SER C 191 -11.55 51.83 1.39
CA SER C 191 -12.44 52.86 1.88
C SER C 191 -13.58 52.31 2.72
N SER C 192 -13.82 51.00 2.67
CA SER C 192 -14.88 50.36 3.43
C SER C 192 -14.45 49.91 4.82
N LEU C 193 -13.17 50.10 5.16
CA LEU C 193 -12.68 49.70 6.48
C LEU C 193 -13.37 50.47 7.61
N GLY C 194 -13.97 51.63 7.31
CA GLY C 194 -14.61 52.41 8.33
C GLY C 194 -16.13 52.41 8.26
N THR C 195 -16.70 51.62 7.35
CA THR C 195 -18.14 51.65 7.17
C THR C 195 -18.79 50.26 7.18
N GLN C 196 -18.05 49.22 6.82
CA GLN C 196 -18.62 47.90 6.63
C GLN C 196 -18.11 46.96 7.72
N THR C 197 -19.01 46.15 8.26
CA THR C 197 -18.70 45.24 9.36
C THR C 197 -18.25 43.91 8.76
N TYR C 198 -16.98 43.57 8.99
CA TYR C 198 -16.40 42.34 8.46
C TYR C 198 -16.25 41.32 9.59
N ILE C 199 -17.00 40.23 9.49
CA ILE C 199 -17.04 39.19 10.52
C ILE C 199 -16.83 37.85 9.85
N CYS C 200 -15.94 37.04 10.41
CA CYS C 200 -15.75 35.66 9.98
C CYS C 200 -16.54 34.75 10.90
N ASN C 201 -17.30 33.82 10.31
CA ASN C 201 -18.14 32.89 11.05
C ASN C 201 -17.52 31.51 10.94
N VAL C 202 -16.93 31.03 12.03
CA VAL C 202 -16.24 29.74 12.06
C VAL C 202 -17.12 28.75 12.81
N ASN C 203 -17.42 27.62 12.17
CA ASN C 203 -18.22 26.56 12.77
C ASN C 203 -17.43 25.26 12.74
N HIS C 204 -17.34 24.61 13.89
CA HIS C 204 -16.66 23.32 14.04
C HIS C 204 -17.67 22.34 14.61
N LYS C 205 -18.29 21.55 13.73
CA LYS C 205 -19.35 20.65 14.15
C LYS C 205 -18.90 19.60 15.17
N PRO C 206 -17.76 18.92 15.01
CA PRO C 206 -17.39 17.90 16.00
C PRO C 206 -17.25 18.43 17.42
N SER C 207 -16.83 19.68 17.59
CA SER C 207 -16.70 20.27 18.92
C SER C 207 -17.88 21.15 19.30
N ASN C 208 -18.88 21.27 18.42
CA ASN C 208 -20.08 22.06 18.69
C ASN C 208 -19.74 23.50 19.07
N THR C 209 -18.78 24.08 18.35
CA THR C 209 -18.31 25.44 18.61
C THR C 209 -18.63 26.32 17.42
N LYS C 210 -19.24 27.48 17.69
CA LYS C 210 -19.53 28.49 16.68
C LYS C 210 -18.98 29.81 17.15
N VAL C 211 -18.00 30.35 16.43
CA VAL C 211 -17.31 31.57 16.82
C VAL C 211 -17.45 32.60 15.70
N ASP C 212 -17.94 33.78 16.04
CA ASP C 212 -18.00 34.92 15.12
C ASP C 212 -17.04 35.99 15.65
N LYS C 213 -16.05 36.34 14.83
CA LYS C 213 -15.00 37.28 15.23
C LYS C 213 -15.00 38.47 14.28
N ARG C 214 -15.14 39.68 14.83
CA ARG C 214 -15.07 40.89 14.03
C ARG C 214 -13.61 41.28 13.83
N VAL C 215 -13.19 41.35 12.57
CA VAL C 215 -11.83 41.77 12.23
C VAL C 215 -11.83 43.30 12.14
N GLU C 216 -11.11 43.93 13.05
CA GLU C 216 -11.13 45.39 13.09
C GLU C 216 -9.86 45.96 12.48
N PRO C 217 -9.95 47.11 11.80
CA PRO C 217 -8.78 47.68 11.11
C PRO C 217 -7.74 48.24 12.06
N LYS C 218 -6.61 48.69 11.52
CA LYS C 218 -5.53 49.30 12.29
C LYS C 218 -5.02 48.35 13.38
N ASP D 1 12.11 -4.30 -3.33
CA ASP D 1 10.89 -3.64 -3.79
C ASP D 1 11.15 -2.79 -5.01
N ILE D 2 10.22 -2.82 -5.96
CA ILE D 2 10.31 -2.03 -7.19
C ILE D 2 9.68 -0.66 -6.93
N VAL D 3 10.45 0.40 -7.19
CA VAL D 3 10.01 1.77 -6.92
C VAL D 3 9.42 2.36 -8.18
N MET D 4 8.22 2.93 -8.06
CA MET D 4 7.54 3.58 -9.17
C MET D 4 7.64 5.09 -9.01
N THR D 5 8.15 5.76 -10.04
CA THR D 5 8.29 7.21 -10.04
C THR D 5 7.55 7.80 -11.24
N GLN D 6 7.07 9.03 -11.08
CA GLN D 6 6.32 9.72 -12.10
C GLN D 6 6.91 11.10 -12.33
N SER D 7 6.98 11.50 -13.60
CA SER D 7 7.50 12.81 -13.99
C SER D 7 6.59 13.40 -15.05
N PRO D 8 6.18 14.67 -14.91
CA PRO D 8 6.53 15.52 -13.77
C PRO D 8 5.57 15.34 -12.60
N SER D 9 5.65 16.22 -11.60
CA SER D 9 4.72 16.21 -10.49
C SER D 9 3.55 17.15 -10.73
N PHE D 10 3.80 18.32 -11.31
CA PHE D 10 2.76 19.25 -11.72
C PHE D 10 2.99 19.62 -13.18
N LEU D 11 1.95 19.50 -13.99
CA LEU D 11 2.01 19.82 -15.41
C LEU D 11 0.97 20.88 -15.73
N SER D 12 1.41 21.94 -16.41
CA SER D 12 0.54 23.02 -16.83
C SER D 12 0.33 22.92 -18.34
N ALA D 13 -0.93 22.91 -18.76
CA ALA D 13 -1.26 22.77 -20.17
C ALA D 13 -2.62 23.40 -20.43
N SER D 14 -2.83 23.79 -21.68
CA SER D 14 -4.10 24.35 -22.12
C SER D 14 -4.94 23.26 -22.78
N VAL D 15 -6.19 23.60 -23.07
CA VAL D 15 -7.07 22.67 -23.77
C VAL D 15 -6.54 22.47 -25.18
N GLY D 16 -6.43 21.21 -25.58
CA GLY D 16 -5.96 20.88 -26.91
C GLY D 16 -4.48 20.59 -27.05
N ASP D 17 -3.72 20.60 -25.96
CA ASP D 17 -2.31 20.24 -26.04
C ASP D 17 -2.13 18.74 -26.00
N ARG D 18 -1.05 18.27 -26.62
CA ARG D 18 -0.60 16.89 -26.47
C ARG D 18 0.22 16.79 -25.19
N VAL D 19 -0.29 16.04 -24.22
CA VAL D 19 0.31 15.93 -22.90
C VAL D 19 0.84 14.52 -22.73
N THR D 20 2.11 14.40 -22.33
CA THR D 20 2.76 13.12 -22.09
C THR D 20 3.30 13.10 -20.67
N ILE D 21 2.82 12.15 -19.87
CA ILE D 21 3.29 11.94 -18.51
C ILE D 21 4.02 10.61 -18.46
N THR D 22 5.21 10.60 -17.88
CA THR D 22 6.06 9.43 -17.85
C THR D 22 6.03 8.78 -16.47
N CYS D 23 6.01 7.45 -16.47
CA CYS D 23 6.14 6.65 -15.25
C CYS D 23 7.35 5.73 -15.41
N ARG D 24 8.20 5.71 -14.39
CA ARG D 24 9.45 4.96 -14.44
C ARG D 24 9.45 3.87 -13.38
N ALA D 25 10.06 2.74 -13.72
CA ALA D 25 10.19 1.60 -12.82
C ALA D 25 11.66 1.35 -12.50
N SER D 26 11.93 1.01 -11.24
CA SER D 26 13.31 0.73 -10.84
C SER D 26 13.83 -0.55 -11.52
N GLN D 27 12.95 -1.50 -11.82
CA GLN D 27 13.30 -2.73 -12.51
C GLN D 27 12.28 -2.99 -13.61
N GLY D 28 12.71 -3.77 -14.61
CA GLY D 28 11.84 -4.12 -15.71
C GLY D 28 10.60 -4.88 -15.27
N ILE D 29 9.43 -4.42 -15.70
CA ILE D 29 8.17 -5.04 -15.30
C ILE D 29 7.34 -5.37 -16.53
N SER D 30 7.99 -5.44 -17.69
CA SER D 30 7.32 -5.75 -18.95
C SER D 30 6.13 -4.81 -19.19
N SER D 31 4.93 -5.38 -19.31
CA SER D 31 3.72 -4.60 -19.54
C SER D 31 2.83 -4.53 -18.30
N TYR D 32 3.33 -4.97 -17.15
CA TYR D 32 2.55 -4.95 -15.91
C TYR D 32 2.48 -3.52 -15.40
N LEU D 33 1.61 -2.73 -16.03
CA LEU D 33 1.47 -1.31 -15.71
C LEU D 33 0.07 -0.85 -16.07
N ALA D 34 -0.52 -0.02 -15.21
CA ALA D 34 -1.86 0.51 -15.44
C ALA D 34 -1.85 2.00 -15.13
N TRP D 35 -2.76 2.72 -15.79
CA TRP D 35 -2.90 4.16 -15.62
C TRP D 35 -4.28 4.49 -15.07
N TYR D 36 -4.32 5.42 -14.11
CA TYR D 36 -5.56 5.82 -13.46
C TYR D 36 -5.66 7.34 -13.45
N GLN D 37 -6.91 7.82 -13.35
CA GLN D 37 -7.21 9.23 -13.28
C GLN D 37 -8.03 9.49 -12.02
N GLN D 38 -7.61 10.48 -11.23
CA GLN D 38 -8.31 10.86 -10.01
C GLN D 38 -8.53 12.36 -9.99
N LYS D 39 -9.76 12.76 -9.72
CA LYS D 39 -10.20 14.13 -9.53
C LYS D 39 -10.45 14.39 -8.05
N PRO D 40 -10.35 15.64 -7.59
CA PRO D 40 -10.51 15.91 -6.15
C PRO D 40 -11.86 15.45 -5.64
N GLY D 41 -11.83 14.67 -4.57
CA GLY D 41 -13.05 14.14 -3.97
C GLY D 41 -13.66 12.97 -4.70
N LYS D 42 -12.99 12.42 -5.70
CA LYS D 42 -13.55 11.37 -6.54
C LYS D 42 -12.64 10.15 -6.52
N ALA D 43 -13.26 8.96 -6.54
CA ALA D 43 -12.51 7.71 -6.54
C ALA D 43 -11.79 7.50 -7.86
N PRO D 44 -10.62 6.86 -7.83
CA PRO D 44 -9.82 6.71 -9.05
C PRO D 44 -10.57 5.97 -10.15
N LYS D 45 -10.29 6.37 -11.40
CA LYS D 45 -10.90 5.78 -12.58
C LYS D 45 -9.82 5.15 -13.44
N LEU D 46 -10.05 3.90 -13.86
CA LEU D 46 -9.08 3.20 -14.70
C LEU D 46 -9.11 3.72 -16.13
N LEU D 47 -7.92 3.92 -16.69
CA LEU D 47 -7.77 4.42 -18.05
C LEU D 47 -7.12 3.40 -18.98
N ILE D 48 -6.01 2.81 -18.56
CA ILE D 48 -5.21 1.93 -19.41
C ILE D 48 -4.73 0.75 -18.56
N TYR D 49 -4.76 -0.45 -19.14
CA TYR D 49 -4.17 -1.62 -18.53
C TYR D 49 -3.21 -2.27 -19.54
N ALA D 50 -2.30 -3.08 -19.00
CA ALA D 50 -1.22 -3.70 -19.78
C ALA D 50 -0.30 -2.66 -20.42
N ALA D 51 -0.35 -1.43 -19.91
CA ALA D 51 0.52 -0.32 -20.29
C ALA D 51 0.22 0.21 -21.69
N SER D 52 -0.60 -0.51 -22.46
CA SER D 52 -1.02 -0.02 -23.77
C SER D 52 -2.50 -0.14 -24.06
N THR D 53 -3.22 -1.08 -23.45
CA THR D 53 -4.61 -1.32 -23.80
C THR D 53 -5.52 -0.32 -23.11
N LEU D 54 -6.47 0.23 -23.87
CA LEU D 54 -7.39 1.23 -23.35
C LEU D 54 -8.63 0.56 -22.80
N GLN D 55 -9.02 0.96 -21.58
CA GLN D 55 -10.23 0.43 -20.97
C GLN D 55 -11.47 0.91 -21.70
N SER D 56 -12.47 0.04 -21.80
CA SER D 56 -13.72 0.40 -22.45
C SER D 56 -14.38 1.59 -21.75
N GLY D 57 -14.88 2.53 -22.56
CA GLY D 57 -15.46 3.74 -22.05
C GLY D 57 -14.50 4.91 -21.91
N VAL D 58 -13.20 4.69 -22.15
CA VAL D 58 -12.20 5.74 -22.08
C VAL D 58 -12.05 6.36 -23.46
N PRO D 59 -11.98 7.68 -23.58
CA PRO D 59 -11.83 8.30 -24.91
C PRO D 59 -10.53 7.87 -25.58
N SER D 60 -10.55 7.85 -26.91
CA SER D 60 -9.39 7.42 -27.68
C SER D 60 -8.21 8.37 -27.58
N ARG D 61 -8.41 9.59 -27.08
CA ARG D 61 -7.32 10.52 -26.92
C ARG D 61 -6.28 10.05 -25.91
N PHE D 62 -6.67 9.18 -24.98
CA PHE D 62 -5.72 8.60 -24.04
C PHE D 62 -5.02 7.41 -24.68
N SER D 63 -3.69 7.38 -24.59
CA SER D 63 -2.89 6.30 -25.15
C SER D 63 -1.74 5.99 -24.21
N GLY D 64 -1.33 4.72 -24.20
CA GLY D 64 -0.24 4.28 -23.35
C GLY D 64 0.81 3.56 -24.17
N SER D 65 2.07 3.79 -23.80
CA SER D 65 3.20 3.22 -24.52
C SER D 65 4.30 2.86 -23.53
N GLY D 66 5.23 2.04 -24.00
CA GLY D 66 6.38 1.67 -23.21
C GLY D 66 6.22 0.31 -22.55
N SER D 67 7.34 -0.37 -22.36
CA SER D 67 7.36 -1.66 -21.69
C SER D 67 8.75 -1.87 -21.10
N GLY D 68 8.80 -2.26 -19.83
CA GLY D 68 10.07 -2.40 -19.16
C GLY D 68 10.24 -1.44 -18.00
N THR D 69 11.11 -0.44 -18.16
CA THR D 69 11.38 0.53 -17.10
C THR D 69 10.80 1.91 -17.35
N GLU D 70 10.42 2.23 -18.59
CA GLU D 70 9.86 3.54 -18.92
C GLU D 70 8.52 3.39 -19.59
N PHE D 71 7.51 4.11 -19.08
CA PHE D 71 6.16 4.10 -19.61
C PHE D 71 5.66 5.53 -19.71
N THR D 72 4.77 5.77 -20.69
CA THR D 72 4.23 7.09 -20.93
C THR D 72 2.72 7.00 -21.11
N LEU D 73 2.00 7.99 -20.55
CA LEU D 73 0.58 8.17 -20.79
C LEU D 73 0.41 9.42 -21.65
N THR D 74 -0.13 9.26 -22.84
CA THR D 74 -0.23 10.33 -23.83
C THR D 74 -1.68 10.72 -24.06
N ILE D 75 -1.96 12.01 -23.95
CA ILE D 75 -3.26 12.58 -24.29
C ILE D 75 -3.07 13.44 -25.53
N SER D 76 -3.71 13.06 -26.64
CA SER D 76 -3.48 13.73 -27.90
C SER D 76 -3.98 15.18 -27.87
N SER D 77 -5.21 15.37 -27.40
CA SER D 77 -5.82 16.70 -27.30
C SER D 77 -6.44 16.83 -25.92
N LEU D 78 -5.81 17.63 -25.06
CA LEU D 78 -6.30 17.79 -23.70
C LEU D 78 -7.66 18.45 -23.70
N GLN D 79 -8.61 17.85 -23.00
CA GLN D 79 -9.97 18.34 -22.86
C GLN D 79 -10.18 18.95 -21.48
N PRO D 80 -11.19 19.80 -21.31
CA PRO D 80 -11.39 20.44 -19.99
C PRO D 80 -11.57 19.46 -18.84
N GLU D 81 -12.12 18.27 -19.11
CA GLU D 81 -12.31 17.28 -18.06
C GLU D 81 -11.07 16.45 -17.80
N ASP D 82 -10.01 16.60 -18.61
CA ASP D 82 -8.79 15.84 -18.42
C ASP D 82 -7.87 16.43 -17.35
N PHE D 83 -8.21 17.60 -16.81
CA PHE D 83 -7.39 18.25 -15.78
C PHE D 83 -7.64 17.53 -14.46
N ALA D 84 -6.74 16.62 -14.10
CA ALA D 84 -6.85 15.84 -12.88
C ALA D 84 -5.48 15.27 -12.54
N THR D 85 -5.44 14.47 -11.49
CA THR D 85 -4.22 13.80 -11.05
C THR D 85 -4.20 12.40 -11.63
N TYR D 86 -3.07 12.01 -12.22
CA TYR D 86 -2.93 10.74 -12.91
C TYR D 86 -1.88 9.89 -12.19
N TYR D 87 -2.22 8.61 -11.98
CA TYR D 87 -1.34 7.68 -11.28
C TYR D 87 -1.04 6.48 -12.18
N CYS D 88 0.21 6.02 -12.11
CA CYS D 88 0.59 4.75 -12.71
C CYS D 88 0.67 3.68 -11.62
N GLN D 89 0.40 2.44 -12.01
CA GLN D 89 0.31 1.34 -11.05
C GLN D 89 1.01 0.11 -11.59
N GLN D 90 2.05 -0.32 -10.89
CA GLN D 90 2.70 -1.59 -11.21
C GLN D 90 1.79 -2.75 -10.84
N LEU D 91 1.71 -3.75 -11.71
CA LEU D 91 0.77 -4.84 -11.56
C LEU D 91 1.49 -6.15 -11.27
N ASN D 92 0.84 -7.00 -10.47
CA ASN D 92 1.29 -8.36 -10.18
C ASN D 92 2.68 -8.34 -9.54
N SER D 93 2.85 -7.50 -8.52
CA SER D 93 4.14 -7.29 -7.90
C SER D 93 4.27 -8.15 -6.65
N TYR D 94 5.46 -8.08 -6.04
CA TYR D 94 5.77 -8.73 -4.78
C TYR D 94 6.78 -7.85 -4.07
N PRO D 95 6.70 -7.70 -2.74
CA PRO D 95 5.68 -8.24 -1.84
C PRO D 95 4.24 -7.68 -1.94
N PRO D 96 4.04 -6.38 -2.13
CA PRO D 96 2.67 -5.88 -2.31
C PRO D 96 2.08 -6.36 -3.63
N LYS D 97 0.75 -6.50 -3.64
CA LYS D 97 0.07 -6.98 -4.85
C LYS D 97 0.25 -5.99 -6.00
N PHE D 98 0.05 -4.70 -5.74
CA PHE D 98 0.32 -3.66 -6.72
C PHE D 98 0.85 -2.43 -6.00
N THR D 99 1.62 -1.62 -6.73
CA THR D 99 2.24 -0.43 -6.19
C THR D 99 1.89 0.77 -7.07
N PHE D 100 1.43 1.85 -6.44
CA PHE D 100 1.04 3.05 -7.14
C PHE D 100 2.18 4.06 -7.19
N GLY D 101 2.22 4.83 -8.28
CA GLY D 101 3.21 5.88 -8.42
C GLY D 101 2.85 7.11 -7.64
N PRO D 102 3.79 8.06 -7.59
CA PRO D 102 3.55 9.30 -6.84
C PRO D 102 2.40 10.13 -7.39
N GLY D 103 2.17 10.10 -8.69
CA GLY D 103 1.08 10.85 -9.28
C GLY D 103 1.55 12.11 -9.97
N THR D 104 0.76 12.56 -10.95
CA THR D 104 1.06 13.77 -11.70
C THR D 104 -0.22 14.57 -11.87
N LYS D 105 -0.18 15.84 -11.49
CA LYS D 105 -1.34 16.73 -11.57
C LYS D 105 -1.25 17.59 -12.83
N VAL D 106 -2.35 17.64 -13.58
CA VAL D 106 -2.45 18.44 -14.78
C VAL D 106 -3.37 19.62 -14.50
N GLU D 107 -2.89 20.83 -14.77
CA GLU D 107 -3.63 22.05 -14.47
C GLU D 107 -3.61 22.98 -15.68
N ILE D 108 -4.46 24.00 -15.61
CA ILE D 108 -4.72 24.86 -16.76
C ILE D 108 -3.60 25.88 -16.92
N LYS D 109 -3.07 25.98 -18.14
CA LYS D 109 -2.06 26.99 -18.46
C LYS D 109 -2.72 28.36 -18.59
N ARG D 110 -1.98 29.38 -18.15
CA ARG D 110 -2.53 30.73 -18.08
C ARG D 110 -1.36 31.71 -18.05
N THR D 111 -1.63 32.96 -18.41
CA THR D 111 -0.60 33.99 -18.44
C THR D 111 0.00 34.20 -17.06
N VAL D 112 1.31 34.44 -17.01
CA VAL D 112 2.01 34.61 -15.75
C VAL D 112 1.48 35.85 -15.03
N ALA D 113 1.06 35.66 -13.78
CA ALA D 113 0.53 36.74 -12.96
C ALA D 113 1.29 36.79 -11.64
N ALA D 114 1.77 37.98 -11.28
CA ALA D 114 2.53 38.16 -10.04
C ALA D 114 1.61 38.13 -8.83
N PRO D 115 2.12 37.68 -7.68
CA PRO D 115 1.27 37.66 -6.47
C PRO D 115 1.27 39.00 -5.75
N SER D 116 0.13 39.33 -5.15
CA SER D 116 0.02 40.48 -4.26
C SER D 116 0.34 40.01 -2.85
N VAL D 117 1.46 40.47 -2.32
CA VAL D 117 1.97 39.97 -1.05
C VAL D 117 1.44 40.84 0.09
N PHE D 118 0.88 40.19 1.10
CA PHE D 118 0.37 40.88 2.29
C PHE D 118 0.89 40.17 3.53
N ILE D 119 1.35 40.95 4.51
CA ILE D 119 1.83 40.41 5.78
C ILE D 119 0.86 40.81 6.88
N PHE D 120 0.74 39.94 7.88
CA PHE D 120 -0.19 40.15 8.98
C PHE D 120 0.52 39.88 10.30
N PRO D 121 0.71 40.90 11.14
CA PRO D 121 1.31 40.67 12.45
C PRO D 121 0.38 39.90 13.35
N PRO D 122 0.90 39.21 14.37
CA PRO D 122 0.02 38.48 15.29
C PRO D 122 -0.87 39.42 16.08
N SER D 123 -2.07 38.93 16.40
CA SER D 123 -3.03 39.71 17.16
C SER D 123 -2.66 39.74 18.64
N ASP D 124 -3.15 40.77 19.33
CA ASP D 124 -2.94 40.87 20.77
C ASP D 124 -3.64 39.75 21.52
N GLU D 125 -4.78 39.28 21.00
CA GLU D 125 -5.53 38.22 21.66
C GLU D 125 -4.72 36.92 21.69
N GLN D 126 -4.10 36.56 20.57
CA GLN D 126 -3.26 35.37 20.55
C GLN D 126 -1.99 35.56 21.37
N LEU D 127 -1.47 36.79 21.41
CA LEU D 127 -0.29 37.07 22.22
C LEU D 127 -0.57 36.82 23.70
N LYS D 128 -1.72 37.28 24.19
CA LYS D 128 -2.06 37.08 25.60
C LYS D 128 -2.16 35.61 25.96
N SER D 129 -2.35 34.73 24.98
CA SER D 129 -2.39 33.29 25.22
C SER D 129 -1.01 32.65 25.24
N GLY D 130 0.04 33.38 24.87
CA GLY D 130 1.39 32.88 24.91
C GLY D 130 1.96 32.36 23.60
N THR D 131 1.30 32.63 22.47
CA THR D 131 1.79 32.19 21.17
C THR D 131 1.68 33.33 20.18
N ALA D 132 2.64 33.39 19.25
CA ALA D 132 2.66 34.41 18.21
C ALA D 132 2.74 33.74 16.85
N SER D 133 1.82 34.10 15.95
CA SER D 133 1.79 33.57 14.60
C SER D 133 1.73 34.74 13.62
N VAL D 134 2.65 34.75 12.65
CA VAL D 134 2.70 35.76 11.61
C VAL D 134 2.37 35.10 10.28
N VAL D 135 1.50 35.73 9.50
CA VAL D 135 0.93 35.14 8.30
C VAL D 135 1.32 35.99 7.09
N CYS D 136 1.78 35.32 6.04
CA CYS D 136 2.07 35.96 4.75
C CYS D 136 1.10 35.42 3.71
N LEU D 137 0.50 36.31 2.94
CA LEU D 137 -0.54 35.95 1.98
C LEU D 137 -0.10 36.31 0.57
N LEU D 138 -0.24 35.35 -0.35
CA LEU D 138 -0.01 35.56 -1.78
C LEU D 138 -1.32 35.29 -2.50
N ASN D 139 -1.81 36.30 -3.22
CA ASN D 139 -3.16 36.27 -3.78
C ASN D 139 -3.12 36.38 -5.30
N ASN D 140 -3.83 35.47 -5.97
CA ASN D 140 -4.11 35.55 -7.40
C ASN D 140 -2.82 35.61 -8.22
N PHE D 141 -2.07 34.51 -8.15
CA PHE D 141 -0.80 34.39 -8.87
C PHE D 141 -0.79 33.11 -9.70
N TYR D 142 0.02 33.14 -10.77
CA TYR D 142 0.26 32.00 -11.63
C TYR D 142 1.64 32.19 -12.24
N PRO D 143 2.48 31.15 -12.31
CA PRO D 143 2.23 29.75 -11.91
C PRO D 143 2.23 29.52 -10.41
N ARG D 144 1.85 28.31 -9.99
CA ARG D 144 1.76 27.97 -8.57
C ARG D 144 3.11 27.88 -7.89
N GLU D 145 4.21 27.87 -8.64
CA GLU D 145 5.55 27.74 -8.05
C GLU D 145 5.96 29.09 -7.48
N ALA D 146 5.64 29.30 -6.20
CA ALA D 146 6.04 30.49 -5.48
C ALA D 146 6.67 30.08 -4.16
N LYS D 147 7.82 30.65 -3.84
CA LYS D 147 8.53 30.36 -2.60
C LYS D 147 8.33 31.49 -1.62
N VAL D 148 8.08 31.15 -0.36
CA VAL D 148 8.01 32.11 0.73
C VAL D 148 9.12 31.77 1.71
N GLN D 149 10.00 32.73 1.97
CA GLN D 149 11.11 32.57 2.90
C GLN D 149 10.91 33.51 4.08
N TRP D 150 10.66 32.94 5.25
CA TRP D 150 10.51 33.73 6.46
C TRP D 150 11.88 34.15 6.97
N LYS D 151 12.02 35.43 7.31
CA LYS D 151 13.26 35.97 7.83
C LYS D 151 12.99 36.64 9.17
N VAL D 152 13.74 36.24 10.19
CA VAL D 152 13.65 36.82 11.52
C VAL D 152 14.98 37.46 11.83
N ASP D 153 15.01 38.80 11.88
CA ASP D 153 16.24 39.57 12.02
C ASP D 153 17.25 39.19 10.93
N ASN D 154 16.74 39.07 9.70
CA ASN D 154 17.52 38.68 8.52
C ASN D 154 18.11 37.27 8.64
N ALA D 155 17.58 36.46 9.54
CA ALA D 155 17.96 35.07 9.66
C ALA D 155 16.88 34.20 9.05
N LEU D 156 17.23 33.44 8.01
CA LEU D 156 16.26 32.58 7.35
C LEU D 156 15.74 31.53 8.32
N GLN D 157 14.42 31.36 8.35
CA GLN D 157 13.76 30.50 9.33
C GLN D 157 13.21 29.26 8.63
N SER D 158 13.43 28.10 9.23
CA SER D 158 12.93 26.84 8.71
C SER D 158 12.49 25.95 9.86
N GLY D 159 11.51 25.10 9.59
CA GLY D 159 11.01 24.16 10.57
C GLY D 159 9.87 24.66 11.43
N ASN D 160 9.61 25.98 11.44
CA ASN D 160 8.51 26.55 12.22
C ASN D 160 7.51 27.27 11.33
N SER D 161 7.47 26.95 10.04
CA SER D 161 6.53 27.56 9.11
C SER D 161 5.81 26.48 8.32
N GLN D 162 4.53 26.74 8.03
CA GLN D 162 3.71 25.85 7.22
C GLN D 162 2.98 26.67 6.17
N GLU D 163 2.74 26.04 5.02
CA GLU D 163 2.16 26.71 3.87
C GLU D 163 0.91 25.97 3.40
N SER D 164 0.02 26.71 2.76
CA SER D 164 -1.21 26.14 2.21
C SER D 164 -1.52 26.87 0.91
N VAL D 165 -1.89 26.11 -0.13
CA VAL D 165 -2.13 26.64 -1.46
C VAL D 165 -3.53 26.23 -1.90
N THR D 166 -4.30 27.19 -2.39
CA THR D 166 -5.63 26.90 -2.89
C THR D 166 -5.56 26.19 -4.23
N GLU D 167 -6.70 25.62 -4.63
CA GLU D 167 -6.82 25.05 -5.97
C GLU D 167 -7.01 26.17 -6.99
N GLN D 168 -6.89 25.81 -8.26
CA GLN D 168 -7.06 26.79 -9.33
C GLN D 168 -8.46 27.39 -9.28
N ASP D 169 -8.51 28.71 -9.26
CA ASP D 169 -9.79 29.41 -9.14
C ASP D 169 -10.65 29.18 -10.38
N SER D 170 -11.96 29.10 -10.15
CA SER D 170 -12.88 28.80 -11.24
C SER D 170 -12.94 29.91 -12.28
N LYS D 171 -12.74 31.17 -11.86
CA LYS D 171 -12.88 32.29 -12.77
C LYS D 171 -11.59 32.62 -13.52
N ASP D 172 -10.49 32.84 -12.80
CA ASP D 172 -9.26 33.34 -13.40
C ASP D 172 -8.13 32.31 -13.42
N SER D 173 -8.36 31.10 -12.93
CA SER D 173 -7.37 30.03 -12.93
C SER D 173 -6.09 30.42 -12.19
N THR D 174 -6.22 31.25 -11.16
CA THR D 174 -5.09 31.66 -10.35
C THR D 174 -5.06 30.88 -9.04
N TYR D 175 -3.90 30.88 -8.42
CA TYR D 175 -3.70 30.26 -7.11
C TYR D 175 -3.62 31.33 -6.03
N SER D 176 -3.81 30.89 -4.79
CA SER D 176 -3.59 31.70 -3.61
C SER D 176 -2.78 30.89 -2.61
N LEU D 177 -1.87 31.55 -1.91
CA LEU D 177 -0.97 30.89 -0.98
C LEU D 177 -0.99 31.62 0.37
N SER D 178 -0.93 30.84 1.44
CA SER D 178 -0.84 31.37 2.79
C SER D 178 0.28 30.67 3.54
N SER D 179 1.18 31.44 4.15
CA SER D 179 2.28 30.91 4.94
C SER D 179 2.14 31.42 6.36
N THR D 180 2.30 30.52 7.33
CA THR D 180 2.18 30.85 8.74
C THR D 180 3.44 30.43 9.47
N LEU D 181 4.12 31.41 10.07
CA LEU D 181 5.28 31.14 10.91
C LEU D 181 4.85 31.28 12.37
N THR D 182 5.00 30.21 13.14
CA THR D 182 4.51 30.15 14.52
C THR D 182 5.70 30.15 15.47
N LEU D 183 5.70 31.11 16.38
CA LEU D 183 6.69 31.20 17.45
C LEU D 183 5.97 31.35 18.79
N SER D 184 6.74 31.24 19.86
CA SER D 184 6.21 31.53 21.19
C SER D 184 6.36 33.01 21.51
N LYS D 185 5.62 33.44 22.53
CA LYS D 185 5.68 34.85 22.94
C LYS D 185 7.09 35.24 23.39
N ALA D 186 7.77 34.33 24.10
CA ALA D 186 9.11 34.64 24.59
C ALA D 186 10.09 34.83 23.44
N ASP D 187 10.04 33.96 22.44
CA ASP D 187 10.95 34.09 21.30
C ASP D 187 10.53 35.22 20.37
N TYR D 188 9.23 35.49 20.26
CA TYR D 188 8.76 36.60 19.44
C TYR D 188 9.29 37.93 19.96
N GLU D 189 9.31 38.10 21.29
CA GLU D 189 9.81 39.34 21.89
C GLU D 189 11.32 39.49 21.75
N LYS D 190 12.03 38.41 21.46
CA LYS D 190 13.48 38.44 21.36
C LYS D 190 13.98 38.97 20.02
N HIS D 191 13.08 39.25 19.08
CA HIS D 191 13.48 39.74 17.77
C HIS D 191 12.58 40.89 17.34
N LYS D 192 13.07 41.67 16.38
CA LYS D 192 12.38 42.87 15.93
C LYS D 192 11.90 42.79 14.49
N VAL D 193 12.78 42.43 13.56
CA VAL D 193 12.46 42.45 12.14
C VAL D 193 11.90 41.10 11.73
N TYR D 194 10.66 41.09 11.23
CA TYR D 194 10.03 39.90 10.70
C TYR D 194 9.65 40.17 9.25
N ALA D 195 10.19 39.38 8.33
CA ALA D 195 10.05 39.63 6.91
C ALA D 195 9.57 38.37 6.19
N CYS D 196 8.91 38.58 5.05
CA CYS D 196 8.41 37.50 4.20
C CYS D 196 8.91 37.78 2.79
N GLU D 197 9.90 37.02 2.34
CA GLU D 197 10.48 37.19 1.02
C GLU D 197 9.85 36.19 0.04
N VAL D 198 9.42 36.70 -1.11
CA VAL D 198 8.70 35.91 -2.10
C VAL D 198 9.40 36.02 -3.44
N THR D 199 9.71 34.88 -4.05
CA THR D 199 10.16 34.85 -5.44
C THR D 199 9.11 34.14 -6.27
N HIS D 200 8.91 34.63 -7.49
CA HIS D 200 7.89 34.07 -8.38
C HIS D 200 8.30 34.43 -9.80
N GLN D 201 7.82 33.62 -10.75
CA GLN D 201 8.18 33.84 -12.15
C GLN D 201 7.72 35.20 -12.66
N GLY D 202 6.63 35.72 -12.10
CA GLY D 202 6.17 37.05 -12.45
C GLY D 202 6.96 38.19 -11.83
N LEU D 203 7.82 37.89 -10.86
CA LEU D 203 8.66 38.90 -10.22
C LEU D 203 10.09 38.74 -10.73
N SER D 204 10.64 39.82 -11.29
CA SER D 204 12.02 39.79 -11.76
C SER D 204 13.00 39.64 -10.61
N SER D 205 12.69 40.23 -9.46
CA SER D 205 13.49 40.11 -8.25
C SER D 205 12.57 39.81 -7.08
N PRO D 206 13.08 39.15 -6.03
CA PRO D 206 12.23 38.83 -4.88
C PRO D 206 11.67 40.10 -4.23
N VAL D 207 10.43 40.00 -3.76
CA VAL D 207 9.73 41.09 -3.10
C VAL D 207 9.57 40.73 -1.64
N THR D 208 9.96 41.66 -0.76
CA THR D 208 9.95 41.42 0.68
C THR D 208 8.97 42.38 1.35
N LYS D 209 8.01 41.81 2.07
CA LYS D 209 7.13 42.56 2.97
C LYS D 209 7.55 42.27 4.40
N SER D 210 7.72 43.32 5.20
CA SER D 210 8.29 43.19 6.53
C SER D 210 7.63 44.17 7.49
N PHE D 211 7.76 43.85 8.78
CA PHE D 211 7.34 44.75 9.84
C PHE D 211 8.29 44.60 11.01
N ASN D 212 8.37 45.63 11.84
CA ASN D 212 9.11 45.58 13.09
C ASN D 212 8.13 45.28 14.22
N ARG D 213 8.59 44.47 15.19
CA ARG D 213 7.73 44.17 16.34
C ARG D 213 7.43 45.45 17.11
N GLY D 214 6.16 45.64 17.45
CA GLY D 214 5.70 46.90 17.94
C GLY D 214 5.43 47.94 16.87
N GLU D 215 5.66 47.58 15.60
CA GLU D 215 5.42 48.46 14.45
C GLU D 215 6.06 49.84 14.63
C1 NAG E . 22.12 -31.22 -18.61
C2 NAG E . 22.48 -32.39 -17.69
C3 NAG E . 23.80 -32.10 -16.96
C4 NAG E . 24.89 -31.74 -17.94
C5 NAG E . 24.44 -30.59 -18.83
C6 NAG E . 25.43 -30.23 -19.91
C7 NAG E . 20.96 -33.87 -16.47
C8 NAG E . 19.85 -33.95 -15.46
N2 NAG E . 21.41 -32.65 -16.75
O3 NAG E . 24.18 -33.26 -16.22
O4 NAG E . 26.07 -31.36 -17.25
O5 NAG E . 23.23 -30.96 -19.51
O6 NAG E . 25.58 -31.28 -20.85
O7 NAG E . 21.41 -34.88 -17.01
#